data_4ZN6
#
_entry.id   4ZN6
#
_cell.length_a   54.270
_cell.length_b   65.430
_cell.length_c   121.680
_cell.angle_alpha   90.000
_cell.angle_beta   92.090
_cell.angle_gamma   90.000
#
_symmetry.space_group_name_H-M   'P 1 21 1'
#
loop_
_entity.id
_entity.type
_entity.pdbx_description
1 polymer '1-deoxy-D-xylulose 5-phosphate reductoisomerase'
2 non-polymer 'SULFATE ION'
3 non-polymer 1,2-ETHANEDIOL
4 water water
#
_entity_poly.entity_id   1
_entity_poly.type   'polypeptide(L)'
_entity_poly.pdbx_seq_one_letter_code
;MAHHHHHHMTQSVCILGVTGSIGRSTLKILGQHPDKYSVFAVSAHSRISELVEICKQFRPKVVVVPEQKIAELKTLFAQQ
NISDIDVLAGQEGLVDIASHTDVDIVMAAIVGAAGLLPTLAAVKAGKRVLLANKEALVMSGEIMMQAARDHQALLLPVDS
EHNAIFQSLPHNYLQADRTGQPQLGVSKILLTASGGPFLNHSLEQLVHVTPQQACKHPNWSMGQKISVDSATLMNKGLEL
IEACHLFSISEHFVTVVVHPQSIIHSMVQYVDGSTLAQMGNPDMCTPIAHALAWPERLQTNVPALDLFEYSQLNFQAPDT
QKFPALNLARQAMRAGGLAPTILNAANEIAVEAFLMERIGFTSIPQVVEHTLEKLENAAAESIECILDKDKVARSVAQQY
ISSIGG
;
_entity_poly.pdbx_strand_id   A,B
#
loop_
_chem_comp.id
_chem_comp.type
_chem_comp.name
_chem_comp.formula
EDO non-polymer 1,2-ETHANEDIOL 'C2 H6 O2'
SO4 non-polymer 'SULFATE ION' 'O4 S -2'
#
# COMPACT_ATOMS: atom_id res chain seq x y z
N THR A 10 22.15 -18.65 8.18
CA THR A 10 21.29 -18.59 9.37
C THR A 10 21.69 -17.46 10.31
N GLN A 11 20.72 -16.68 10.75
CA GLN A 11 20.99 -15.51 11.58
C GLN A 11 20.54 -15.67 13.02
N SER A 12 21.42 -15.26 13.95
CA SER A 12 21.13 -15.38 15.37
C SER A 12 20.33 -14.20 15.91
N VAL A 13 19.36 -14.50 16.75
CA VAL A 13 18.47 -13.50 17.30
C VAL A 13 18.64 -13.39 18.82
N CYS A 14 18.71 -12.16 19.30
CA CYS A 14 18.61 -11.88 20.72
C CYS A 14 17.25 -11.23 20.99
N ILE A 15 16.45 -11.85 21.86
CA ILE A 15 15.15 -11.27 22.20
C ILE A 15 15.17 -10.63 23.59
N LEU A 16 15.10 -9.31 23.62
CA LEU A 16 14.97 -8.58 24.88
C LEU A 16 13.51 -8.50 25.30
N GLY A 17 13.14 -9.23 26.35
CA GLY A 17 11.76 -9.28 26.80
C GLY A 17 10.98 -10.35 26.04
N VAL A 18 11.32 -11.60 26.30
CA VAL A 18 10.82 -12.70 25.49
C VAL A 18 9.47 -13.24 25.98
N THR A 19 9.13 -12.99 27.24
CA THR A 19 7.92 -13.59 27.81
C THR A 19 6.67 -12.76 27.58
N GLY A 20 6.84 -11.52 27.13
CA GLY A 20 5.70 -10.67 26.79
C GLY A 20 5.06 -11.05 25.47
N SER A 21 4.02 -10.32 25.07
CA SER A 21 3.26 -10.66 23.87
C SER A 21 4.08 -10.52 22.58
N ILE A 22 4.94 -9.52 22.51
CA ILE A 22 5.84 -9.34 21.37
C ILE A 22 6.81 -10.50 21.31
N GLY A 23 7.36 -10.84 22.48
CA GLY A 23 8.30 -11.94 22.59
C GLY A 23 7.71 -13.26 22.12
N ARG A 24 6.49 -13.54 22.55
CA ARG A 24 5.82 -14.78 22.17
C ARG A 24 5.48 -14.83 20.68
N SER A 25 5.04 -13.70 20.13
CA SER A 25 4.73 -13.63 18.70
C SER A 25 5.99 -13.83 17.89
N THR A 26 7.09 -13.27 18.40
CA THR A 26 8.39 -13.41 17.75
C THR A 26 8.82 -14.88 17.71
N LEU A 27 8.61 -15.59 18.82
CA LEU A 27 9.00 -16.99 18.91
C LEU A 27 8.19 -17.89 17.98
N LYS A 28 6.90 -17.60 17.83
CA LYS A 28 6.05 -18.34 16.90
C LYS A 28 6.64 -18.29 15.50
N ILE A 29 7.12 -17.12 15.11
CA ILE A 29 7.73 -16.93 13.80
C ILE A 29 9.04 -17.69 13.70
N LEU A 30 9.93 -17.47 14.66
CA LEU A 30 11.25 -18.11 14.66
C LEU A 30 11.13 -19.62 14.71
N GLY A 31 10.17 -20.12 15.48
CA GLY A 31 9.93 -21.55 15.57
C GLY A 31 9.48 -22.19 14.27
N GLN A 32 8.95 -21.39 13.35
CA GLN A 32 8.52 -21.89 12.05
C GLN A 32 9.60 -21.70 10.99
N HIS A 33 10.64 -20.97 11.35
CA HIS A 33 11.78 -20.78 10.44
C HIS A 33 13.13 -21.07 11.10
N PRO A 34 13.30 -22.29 11.66
CA PRO A 34 14.55 -22.63 12.32
C PRO A 34 15.72 -22.71 11.34
N ASP A 35 15.39 -22.91 10.07
CA ASP A 35 16.40 -22.97 9.01
C ASP A 35 16.99 -21.59 8.70
N LYS A 36 16.29 -20.53 9.10
CA LYS A 36 16.73 -19.17 8.79
C LYS A 36 17.18 -18.40 10.02
N TYR A 37 16.67 -18.80 11.18
CA TYR A 37 16.95 -18.06 12.40
C TYR A 37 17.24 -19.01 13.56
N SER A 38 18.08 -18.54 14.47
CA SER A 38 18.37 -19.27 15.69
C SER A 38 18.30 -18.28 16.83
N VAL A 39 17.94 -18.75 18.03
CA VAL A 39 17.86 -17.86 19.17
C VAL A 39 19.11 -18.02 20.03
N PHE A 40 19.92 -16.97 20.07
CA PHE A 40 21.18 -17.03 20.80
C PHE A 40 20.97 -16.65 22.28
N ALA A 41 20.11 -15.66 22.51
CA ALA A 41 19.93 -15.15 23.86
C ALA A 41 18.54 -14.57 24.05
N VAL A 42 18.04 -14.65 25.28
CA VAL A 42 16.74 -14.10 25.63
C VAL A 42 16.82 -13.44 27.00
N SER A 43 15.89 -12.53 27.27
CA SER A 43 15.79 -11.94 28.60
C SER A 43 14.34 -11.81 29.02
N ALA A 44 14.13 -11.76 30.33
CA ALA A 44 12.80 -11.62 30.90
C ALA A 44 12.91 -11.02 32.28
N HIS A 45 11.90 -10.26 32.68
CA HIS A 45 11.87 -9.71 34.03
C HIS A 45 10.88 -10.50 34.88
N SER A 46 10.06 -11.32 34.23
CA SER A 46 9.02 -12.07 34.91
C SER A 46 8.56 -13.27 34.09
N ARG A 47 7.63 -14.04 34.65
CA ARG A 47 7.15 -15.28 34.05
C ARG A 47 8.32 -16.22 33.80
N ILE A 48 9.09 -16.48 34.85
CA ILE A 48 10.33 -17.26 34.74
C ILE A 48 10.04 -18.69 34.33
N SER A 49 8.90 -19.22 34.79
CA SER A 49 8.52 -20.58 34.44
C SER A 49 8.29 -20.71 32.95
N GLU A 50 7.68 -19.69 32.34
CA GLU A 50 7.47 -19.67 30.91
C GLU A 50 8.81 -19.54 30.20
N LEU A 51 9.71 -18.78 30.82
CA LEU A 51 11.06 -18.62 30.28
C LEU A 51 11.80 -19.95 30.18
N VAL A 52 11.62 -20.81 31.19
CA VAL A 52 12.26 -22.13 31.18
C VAL A 52 11.72 -22.97 30.02
N GLU A 53 10.41 -22.91 29.79
CA GLU A 53 9.81 -23.66 28.67
C GLU A 53 10.31 -23.11 27.33
N ILE A 54 10.56 -21.82 27.28
CA ILE A 54 11.13 -21.20 26.07
C ILE A 54 12.54 -21.71 25.86
N CYS A 55 13.31 -21.81 26.93
CA CYS A 55 14.69 -22.26 26.83
C CYS A 55 14.79 -23.71 26.37
N LYS A 56 13.84 -24.54 26.80
CA LYS A 56 13.81 -25.94 26.38
C LYS A 56 13.69 -26.06 24.87
N GLN A 57 12.80 -25.26 24.30
CA GLN A 57 12.47 -25.37 22.89
C GLN A 57 13.50 -24.69 22.00
N PHE A 58 13.98 -23.50 22.39
CA PHE A 58 14.84 -22.71 21.52
C PHE A 58 16.32 -22.75 21.92
N ARG A 59 16.60 -23.24 23.12
CA ARG A 59 17.96 -23.44 23.61
C ARG A 59 18.92 -22.27 23.37
N PRO A 60 18.62 -21.10 23.94
CA PRO A 60 19.58 -20.00 23.83
C PRO A 60 20.88 -20.33 24.53
N LYS A 61 21.95 -19.65 24.14
CA LYS A 61 23.24 -19.85 24.80
C LYS A 61 23.29 -19.05 26.10
N VAL A 62 22.57 -17.93 26.12
CA VAL A 62 22.60 -17.01 27.25
C VAL A 62 21.20 -16.56 27.63
N VAL A 63 20.90 -16.48 28.92
CA VAL A 63 19.63 -15.94 29.39
CA VAL A 63 19.63 -15.94 29.39
C VAL A 63 19.90 -14.88 30.45
N VAL A 64 19.14 -13.79 30.41
CA VAL A 64 19.30 -12.70 31.37
C VAL A 64 18.01 -12.42 32.13
N VAL A 65 18.10 -12.38 33.45
CA VAL A 65 16.97 -12.00 34.28
C VAL A 65 17.47 -11.01 35.31
N PRO A 66 16.56 -10.27 35.98
CA PRO A 66 17.02 -9.39 37.05
C PRO A 66 17.63 -10.18 38.20
N GLU A 67 18.43 -9.52 39.03
CA GLU A 67 19.08 -10.16 40.17
C GLU A 67 18.07 -10.90 41.04
N GLN A 68 16.93 -10.26 41.27
CA GLN A 68 15.86 -10.81 42.10
C GLN A 68 15.32 -12.15 41.60
N LYS A 69 15.54 -12.45 40.32
CA LYS A 69 14.99 -13.63 39.68
C LYS A 69 16.03 -14.73 39.42
N ILE A 70 17.28 -14.46 39.77
CA ILE A 70 18.38 -15.39 39.48
C ILE A 70 18.21 -16.75 40.16
N ALA A 71 17.96 -16.74 41.46
CA ALA A 71 17.84 -17.99 42.21
C ALA A 71 16.66 -18.81 41.71
N GLU A 72 15.55 -18.14 41.42
CA GLU A 72 14.38 -18.81 40.86
C GLU A 72 14.71 -19.49 39.53
N LEU A 73 15.36 -18.75 38.63
CA LEU A 73 15.72 -19.32 37.33
C LEU A 73 16.61 -20.54 37.48
N LYS A 74 17.64 -20.41 38.31
CA LYS A 74 18.63 -21.47 38.45
C LYS A 74 18.03 -22.70 39.12
N THR A 75 17.07 -22.49 40.00
CA THR A 75 16.40 -23.60 40.68
C THR A 75 15.52 -24.33 39.68
N LEU A 76 14.80 -23.57 38.86
CA LEU A 76 13.94 -24.17 37.85
C LEU A 76 14.77 -24.92 36.81
N PHE A 77 15.88 -24.34 36.38
CA PHE A 77 16.80 -25.01 35.47
C PHE A 77 17.28 -26.36 36.02
N ALA A 78 17.81 -26.36 37.24
CA ALA A 78 18.33 -27.58 37.87
C ALA A 78 17.25 -28.64 37.96
N GLN A 79 16.05 -28.19 38.29
CA GLN A 79 14.89 -29.06 38.45
C GLN A 79 14.45 -29.65 37.11
N GLN A 80 14.56 -28.87 36.04
CA GLN A 80 14.19 -29.37 34.72
C GLN A 80 15.41 -29.92 33.97
N ASN A 81 16.49 -30.16 34.71
CA ASN A 81 17.73 -30.69 34.15
CA ASN A 81 17.74 -30.69 34.15
C ASN A 81 18.18 -29.89 32.92
N ILE A 82 18.28 -28.58 33.08
CA ILE A 82 18.72 -27.72 31.99
C ILE A 82 20.12 -27.21 32.31
N SER A 83 21.08 -27.57 31.46
CA SER A 83 22.43 -27.09 31.62
C SER A 83 22.96 -26.50 30.32
N ASP A 84 24.17 -25.98 30.37
CA ASP A 84 24.85 -25.39 29.22
C ASP A 84 24.18 -24.10 28.76
N ILE A 85 23.51 -23.43 29.68
CA ILE A 85 22.97 -22.10 29.39
C ILE A 85 23.62 -21.10 30.36
N ASP A 86 24.35 -20.12 29.81
CA ASP A 86 24.92 -19.07 30.63
C ASP A 86 23.83 -18.17 31.17
N VAL A 87 23.86 -17.92 32.47
CA VAL A 87 22.88 -17.03 33.10
C VAL A 87 23.55 -15.73 33.55
N LEU A 88 23.06 -14.61 33.03
CA LEU A 88 23.57 -13.30 33.45
C LEU A 88 22.46 -12.50 34.10
N ALA A 89 22.83 -11.50 34.90
CA ALA A 89 21.87 -10.72 35.66
C ALA A 89 21.90 -9.23 35.30
N GLY A 90 20.73 -8.60 35.42
CA GLY A 90 20.63 -7.14 35.39
C GLY A 90 20.92 -6.44 34.09
N GLN A 91 21.20 -5.14 34.20
CA GLN A 91 21.45 -4.29 33.06
C GLN A 91 22.72 -4.69 32.32
N GLU A 92 23.76 -5.04 33.06
CA GLU A 92 25.03 -5.45 32.45
C GLU A 92 24.81 -6.68 31.59
N GLY A 93 24.02 -7.63 32.10
CA GLY A 93 23.64 -8.80 31.34
C GLY A 93 22.91 -8.44 30.06
N LEU A 94 21.93 -7.54 30.16
CA LEU A 94 21.16 -7.11 29.01
C LEU A 94 22.05 -6.51 27.94
N VAL A 95 22.94 -5.61 28.37
CA VAL A 95 23.91 -4.97 27.49
C VAL A 95 24.78 -6.02 26.80
N ASP A 96 25.28 -6.97 27.58
CA ASP A 96 26.14 -8.03 27.05
C ASP A 96 25.48 -8.82 25.91
N ILE A 97 24.21 -9.21 26.09
CA ILE A 97 23.57 -10.00 25.05
C ILE A 97 23.12 -9.13 23.87
N ALA A 98 22.77 -7.87 24.16
CA ALA A 98 22.29 -6.98 23.10
C ALA A 98 23.42 -6.63 22.13
N SER A 99 24.65 -6.63 22.62
CA SER A 99 25.80 -6.23 21.82
C SER A 99 26.72 -7.40 21.50
N HIS A 100 26.25 -8.61 21.80
CA HIS A 100 27.09 -9.81 21.69
C HIS A 100 27.59 -10.05 20.27
N THR A 101 28.85 -10.43 20.14
CA THR A 101 29.46 -10.70 18.84
C THR A 101 28.68 -11.76 18.05
N ASP A 102 28.12 -12.73 18.76
CA ASP A 102 27.42 -13.83 18.10
C ASP A 102 25.94 -13.52 17.84
N VAL A 103 25.55 -12.27 18.00
CA VAL A 103 24.18 -11.85 17.75
C VAL A 103 24.09 -11.04 16.46
N ASP A 104 23.14 -11.38 15.59
CA ASP A 104 22.91 -10.63 14.36
C ASP A 104 21.73 -9.68 14.49
N ILE A 105 20.69 -10.16 15.15
CA ILE A 105 19.41 -9.46 15.20
C ILE A 105 18.95 -9.29 16.64
N VAL A 106 18.49 -8.10 16.99
CA VAL A 106 18.00 -7.84 18.34
C VAL A 106 16.55 -7.39 18.29
N MET A 107 15.68 -8.16 18.94
CA MET A 107 14.30 -7.75 19.17
C MET A 107 14.25 -6.97 20.46
N ALA A 108 14.08 -5.66 20.34
CA ALA A 108 14.11 -4.77 21.51
C ALA A 108 12.69 -4.55 22.05
N ALA A 109 12.22 -5.48 22.88
CA ALA A 109 10.84 -5.45 23.35
C ALA A 109 10.71 -5.14 24.85
N ILE A 110 11.80 -4.76 25.49
CA ILE A 110 11.73 -4.28 26.87
C ILE A 110 11.20 -2.84 26.87
N VAL A 111 10.10 -2.61 27.59
CA VAL A 111 9.53 -1.26 27.67
C VAL A 111 10.19 -0.49 28.81
N GLY A 112 10.04 0.84 28.78
CA GLY A 112 10.48 1.67 29.88
C GLY A 112 11.96 1.96 29.90
N ALA A 113 12.41 2.63 30.97
CA ALA A 113 13.80 3.04 31.12
C ALA A 113 14.74 1.84 31.08
N ALA A 114 14.25 0.70 31.56
CA ALA A 114 15.04 -0.52 31.63
C ALA A 114 15.58 -0.96 30.27
N GLY A 115 14.88 -0.59 29.20
CA GLY A 115 15.24 -1.01 27.87
C GLY A 115 16.18 -0.09 27.10
N LEU A 116 16.36 1.13 27.58
CA LEU A 116 17.13 2.14 26.84
C LEU A 116 18.59 1.74 26.63
N LEU A 117 19.30 1.51 27.73
CA LEU A 117 20.71 1.14 27.68
C LEU A 117 20.99 -0.10 26.81
N PRO A 118 20.21 -1.18 26.99
CA PRO A 118 20.45 -2.34 26.11
C PRO A 118 20.10 -2.08 24.64
N THR A 119 19.01 -1.36 24.39
CA THR A 119 18.63 -1.08 23.01
C THR A 119 19.70 -0.21 22.33
N LEU A 120 20.25 0.76 23.07
CA LEU A 120 21.29 1.63 22.53
C LEU A 120 22.58 0.85 22.29
N ALA A 121 22.87 -0.11 23.17
CA ALA A 121 24.05 -0.96 22.99
C ALA A 121 23.95 -1.76 21.69
N ALA A 122 22.76 -2.30 21.44
CA ALA A 122 22.55 -3.08 20.21
C ALA A 122 22.73 -2.22 18.97
N VAL A 123 22.22 -0.99 19.04
CA VAL A 123 22.36 -0.06 17.92
C VAL A 123 23.82 0.26 17.68
N LYS A 124 24.54 0.57 18.74
CA LYS A 124 25.94 0.97 18.63
C LYS A 124 26.79 -0.20 18.18
N ALA A 125 26.33 -1.41 18.42
CA ALA A 125 27.07 -2.60 18.00
C ALA A 125 26.76 -2.93 16.54
N GLY A 126 25.93 -2.12 15.90
CA GLY A 126 25.64 -2.26 14.49
C GLY A 126 24.71 -3.41 14.11
N LYS A 127 23.85 -3.82 15.03
CA LYS A 127 22.94 -4.92 14.77
C LYS A 127 21.71 -4.48 13.98
N ARG A 128 20.99 -5.44 13.42
CA ARG A 128 19.63 -5.20 12.99
C ARG A 128 18.80 -5.11 14.26
N VAL A 129 18.26 -3.93 14.51
CA VAL A 129 17.52 -3.70 15.74
C VAL A 129 16.06 -3.53 15.41
N LEU A 130 15.23 -4.41 15.96
CA LEU A 130 13.80 -4.33 15.74
C LEU A 130 13.17 -3.64 16.96
N LEU A 131 12.71 -2.41 16.76
CA LEU A 131 12.16 -1.62 17.84
C LEU A 131 10.73 -2.03 18.16
N ALA A 132 10.53 -2.62 19.34
CA ALA A 132 9.20 -3.01 19.79
C ALA A 132 8.88 -2.35 21.14
N ASN A 133 9.35 -1.12 21.32
CA ASN A 133 9.04 -0.33 22.50
C ASN A 133 9.09 1.15 22.13
N LYS A 134 8.25 1.94 22.78
CA LYS A 134 8.10 3.36 22.45
C LYS A 134 9.24 4.22 22.98
N GLU A 135 9.80 3.84 24.12
CA GLU A 135 10.70 4.73 24.83
C GLU A 135 12.01 5.01 24.08
N ALA A 136 12.49 4.02 23.31
CA ALA A 136 13.71 4.18 22.55
C ALA A 136 13.70 5.46 21.70
N LEU A 137 12.56 5.77 21.10
CA LEU A 137 12.44 6.94 20.23
C LEU A 137 11.73 8.11 20.90
N VAL A 138 10.81 7.82 21.82
CA VAL A 138 10.13 8.90 22.54
C VAL A 138 11.11 9.63 23.44
N MET A 139 11.92 8.86 24.18
CA MET A 139 12.84 9.45 25.15
C MET A 139 14.19 9.78 24.52
N SER A 140 14.78 8.81 23.86
CA SER A 140 16.15 8.91 23.36
C SER A 140 16.24 8.91 21.84
N GLY A 141 15.22 9.45 21.18
CA GLY A 141 15.12 9.43 19.73
C GLY A 141 16.33 9.92 18.95
N GLU A 142 16.87 11.08 19.35
CA GLU A 142 17.99 11.68 18.65
C GLU A 142 19.24 10.81 18.77
N ILE A 143 19.52 10.38 20.00
CA ILE A 143 20.68 9.54 20.29
C ILE A 143 20.58 8.21 19.56
N MET A 144 19.39 7.63 19.53
CA MET A 144 19.19 6.32 18.91
CA MET A 144 19.18 6.33 18.91
C MET A 144 19.42 6.39 17.40
N MET A 145 18.79 7.38 16.75
CA MET A 145 18.94 7.54 15.30
C MET A 145 20.38 7.91 14.94
N GLN A 146 21.00 8.77 15.73
CA GLN A 146 22.38 9.16 15.49
C GLN A 146 23.29 7.95 15.61
N ALA A 147 23.08 7.16 16.66
CA ALA A 147 23.88 5.96 16.87
C ALA A 147 23.75 5.00 15.69
N ALA A 148 22.53 4.85 15.18
CA ALA A 148 22.26 3.99 14.01
C ALA A 148 23.06 4.42 12.79
N ARG A 149 23.11 5.72 12.54
CA ARG A 149 23.89 6.25 11.43
C ARG A 149 25.39 6.05 11.67
N ASP A 150 25.83 6.40 12.86
CA ASP A 150 27.24 6.34 13.24
C ASP A 150 27.83 4.93 13.14
N HIS A 151 27.01 3.94 13.50
CA HIS A 151 27.49 2.57 13.65
C HIS A 151 26.88 1.63 12.62
N GLN A 152 26.19 2.19 11.63
CA GLN A 152 25.61 1.42 10.54
C GLN A 152 24.71 0.30 11.07
N ALA A 153 23.84 0.65 12.00
CA ALA A 153 22.83 -0.28 12.49
C ALA A 153 21.59 -0.19 11.61
N LEU A 154 20.87 -1.29 11.49
CA LEU A 154 19.61 -1.27 10.77
C LEU A 154 18.47 -1.20 11.77
N LEU A 155 17.86 -0.02 11.88
CA LEU A 155 16.79 0.23 12.84
C LEU A 155 15.42 0.10 12.19
N LEU A 156 14.68 -0.94 12.55
CA LEU A 156 13.41 -1.21 11.88
C LEU A 156 12.27 -1.25 12.89
N PRO A 157 11.13 -0.64 12.52
CA PRO A 157 9.97 -0.56 13.43
C PRO A 157 9.13 -1.82 13.43
N VAL A 158 8.71 -2.24 14.61
CA VAL A 158 7.92 -3.45 14.79
C VAL A 158 6.46 -3.08 15.07
N ASP A 159 6.24 -1.93 15.70
CA ASP A 159 4.89 -1.54 16.04
C ASP A 159 4.06 -1.28 14.78
N SER A 160 2.77 -1.54 14.88
CA SER A 160 1.89 -1.66 13.72
C SER A 160 1.85 -0.42 12.83
N GLU A 161 1.70 0.75 13.43
CA GLU A 161 1.56 1.97 12.64
C GLU A 161 2.87 2.32 11.93
N HIS A 162 3.98 2.29 12.67
CA HIS A 162 5.28 2.61 12.09
C HIS A 162 5.69 1.59 11.03
N ASN A 163 5.37 0.31 11.26
CA ASN A 163 5.67 -0.70 10.25
C ASN A 163 4.80 -0.49 9.01
N ALA A 164 3.55 -0.09 9.22
CA ALA A 164 2.66 0.25 8.11
C ALA A 164 3.22 1.39 7.25
N ILE A 165 3.72 2.43 7.91
CA ILE A 165 4.32 3.56 7.23
C ILE A 165 5.53 3.07 6.42
N PHE A 166 6.37 2.28 7.07
CA PHE A 166 7.55 1.71 6.43
C PHE A 166 7.17 0.95 5.15
N GLN A 167 6.16 0.09 5.24
CA GLN A 167 5.71 -0.68 4.09
C GLN A 167 5.10 0.21 3.00
N SER A 168 4.65 1.39 3.39
CA SER A 168 3.99 2.30 2.46
C SER A 168 4.92 3.38 1.90
N LEU A 169 6.18 3.35 2.32
CA LEU A 169 7.20 4.31 1.87
C LEU A 169 7.96 3.73 0.68
N PRO A 170 8.67 4.58 -0.08
CA PRO A 170 9.53 4.04 -1.15
C PRO A 170 10.49 2.98 -0.62
N HIS A 171 10.75 1.97 -1.42
CA HIS A 171 11.56 0.83 -0.95
C HIS A 171 12.95 1.26 -0.48
N ASN A 172 13.41 2.40 -0.98
CA ASN A 172 14.76 2.88 -0.67
C ASN A 172 14.74 4.13 0.18
N TYR A 173 13.71 4.30 1.00
CA TYR A 173 13.55 5.52 1.79
C TYR A 173 14.64 5.65 2.86
N LEU A 174 15.23 4.53 3.24
CA LEU A 174 16.30 4.54 4.24
C LEU A 174 17.54 5.26 3.72
N GLN A 175 17.70 5.31 2.40
CA GLN A 175 18.85 5.97 1.79
C GLN A 175 18.57 7.44 1.49
N ALA A 176 17.38 7.92 1.80
CA ALA A 176 17.01 9.31 1.50
C ALA A 176 17.72 10.28 2.45
N ASP A 177 17.80 11.55 2.04
CA ASP A 177 18.31 12.60 2.90
C ASP A 177 17.44 12.76 4.14
N ARG A 178 18.08 12.93 5.29
CA ARG A 178 17.37 13.17 6.54
C ARG A 178 17.40 14.67 6.85
N THR A 179 16.29 15.35 6.59
CA THR A 179 16.24 16.82 6.68
C THR A 179 15.01 17.35 7.41
N GLY A 180 14.08 16.46 7.74
CA GLY A 180 12.80 16.89 8.29
C GLY A 180 11.75 17.06 7.21
N GLN A 181 12.23 17.13 5.97
CA GLN A 181 11.35 17.23 4.81
C GLN A 181 11.09 15.86 4.19
N PRO A 182 9.84 15.58 3.80
CA PRO A 182 9.55 14.33 3.10
C PRO A 182 10.36 14.22 1.81
N GLN A 183 10.82 13.02 1.49
CA GLN A 183 11.69 12.82 0.34
C GLN A 183 11.08 11.87 -0.69
N LEU A 184 11.71 11.79 -1.86
CA LEU A 184 11.36 10.77 -2.85
C LEU A 184 9.89 10.77 -3.23
N GLY A 185 9.31 11.96 -3.39
CA GLY A 185 7.93 12.07 -3.82
C GLY A 185 6.89 11.89 -2.73
N VAL A 186 7.31 11.67 -1.49
CA VAL A 186 6.37 11.63 -0.37
C VAL A 186 5.88 13.05 -0.09
N SER A 187 4.60 13.20 0.21
CA SER A 187 4.03 14.50 0.50
C SER A 187 3.44 14.58 1.91
N LYS A 188 2.99 13.45 2.43
CA LYS A 188 2.38 13.43 3.76
C LYS A 188 2.34 12.01 4.32
N ILE A 189 2.38 11.92 5.65
CA ILE A 189 2.18 10.67 6.34
C ILE A 189 0.84 10.74 7.08
N LEU A 190 0.02 9.72 6.90
CA LEU A 190 -1.26 9.63 7.61
C LEU A 190 -1.15 8.58 8.71
N LEU A 191 -1.09 9.05 9.95
CA LEU A 191 -0.97 8.17 11.12
C LEU A 191 -2.36 7.81 11.65
N THR A 192 -2.77 6.55 11.47
CA THR A 192 -4.13 6.17 11.84
C THR A 192 -4.25 5.87 13.33
N ALA A 193 -5.42 6.20 13.87
CA ALA A 193 -5.71 6.06 15.29
C ALA A 193 -7.11 5.47 15.46
N SER A 194 -7.26 4.58 16.43
CA SER A 194 -8.57 3.95 16.65
C SER A 194 -9.56 5.00 17.14
N GLY A 195 -9.04 6.00 17.85
CA GLY A 195 -9.89 7.05 18.40
C GLY A 195 -10.31 6.79 19.84
N GLY A 196 -10.14 5.56 20.29
CA GLY A 196 -10.47 5.18 21.65
C GLY A 196 -11.95 5.00 21.88
N PRO A 197 -12.35 4.69 23.13
CA PRO A 197 -13.75 4.38 23.45
C PRO A 197 -14.62 5.62 23.58
N PHE A 198 -14.01 6.80 23.65
CA PHE A 198 -14.74 8.04 23.90
C PHE A 198 -14.75 8.92 22.65
N LEU A 199 -14.68 8.28 21.50
CA LEU A 199 -14.65 8.97 20.21
C LEU A 199 -15.85 9.89 20.02
N ASN A 200 -17.03 9.42 20.43
CA ASN A 200 -18.26 10.16 20.21
C ASN A 200 -18.82 10.78 21.49
N HIS A 201 -17.96 10.96 22.48
CA HIS A 201 -18.33 11.64 23.71
C HIS A 201 -18.30 13.15 23.53
N SER A 202 -19.29 13.83 24.08
CA SER A 202 -19.26 15.28 24.16
C SER A 202 -18.18 15.71 25.15
N LEU A 203 -17.85 17.01 25.13
CA LEU A 203 -16.91 17.58 26.07
C LEU A 203 -17.30 17.30 27.51
N GLU A 204 -18.58 17.49 27.83
CA GLU A 204 -19.06 17.29 29.18
C GLU A 204 -19.01 15.80 29.58
N GLN A 205 -19.38 14.93 28.65
CA GLN A 205 -19.35 13.49 28.91
C GLN A 205 -17.93 13.00 29.20
N LEU A 206 -16.96 13.55 28.48
CA LEU A 206 -15.54 13.21 28.66
C LEU A 206 -15.08 13.48 30.10
N VAL A 207 -15.59 14.56 30.67
CA VAL A 207 -15.28 14.95 32.05
C VAL A 207 -15.58 13.80 33.01
N HIS A 208 -16.62 13.03 32.71
CA HIS A 208 -17.13 12.06 33.68
C HIS A 208 -16.78 10.60 33.39
N VAL A 209 -15.94 10.33 32.39
CA VAL A 209 -15.61 8.93 32.12
C VAL A 209 -14.79 8.35 33.26
N THR A 210 -14.95 7.05 33.48
CA THR A 210 -14.31 6.39 34.61
C THR A 210 -13.08 5.62 34.16
N PRO A 211 -12.18 5.29 35.10
CA PRO A 211 -11.05 4.42 34.78
C PRO A 211 -11.48 3.11 34.10
N GLN A 212 -12.53 2.48 34.61
CA GLN A 212 -13.01 1.21 34.05
C GLN A 212 -13.39 1.35 32.58
N GLN A 213 -14.01 2.48 32.24
CA GLN A 213 -14.41 2.73 30.85
C GLN A 213 -13.20 2.96 29.94
N ALA A 214 -12.19 3.66 30.45
CA ALA A 214 -11.04 4.02 29.63
C ALA A 214 -10.09 2.85 29.40
N CYS A 215 -10.31 1.76 30.13
CA CYS A 215 -9.44 0.59 30.01
C CYS A 215 -10.01 -0.46 29.06
N LYS A 216 -11.02 -0.08 28.28
CA LYS A 216 -11.63 -1.00 27.33
C LYS A 216 -11.14 -0.71 25.91
N MET A 222 -3.30 -4.14 24.99
CA MET A 222 -4.61 -3.80 25.54
C MET A 222 -4.55 -3.59 27.05
N GLY A 223 -3.33 -3.38 27.57
CA GLY A 223 -3.14 -3.13 29.00
C GLY A 223 -3.59 -1.71 29.37
N GLN A 224 -3.70 -1.45 30.67
CA GLN A 224 -4.34 -0.23 31.17
C GLN A 224 -3.67 1.08 30.74
N LYS A 225 -2.35 1.15 30.85
CA LYS A 225 -1.62 2.35 30.48
C LYS A 225 -1.86 2.68 29.00
N ILE A 226 -1.64 1.70 28.13
CA ILE A 226 -1.85 1.86 26.71
C ILE A 226 -3.33 2.17 26.43
N SER A 227 -4.22 1.50 27.17
CA SER A 227 -5.65 1.69 26.96
C SER A 227 -6.08 3.12 27.29
N VAL A 228 -5.61 3.66 28.42
CA VAL A 228 -5.90 5.04 28.77
C VAL A 228 -5.28 5.97 27.73
N ASP A 229 -4.03 5.71 27.36
CA ASP A 229 -3.35 6.53 26.35
C ASP A 229 -4.09 6.49 25.01
N SER A 230 -4.67 5.33 24.70
CA SER A 230 -5.48 5.21 23.48
CA SER A 230 -5.48 5.21 23.48
C SER A 230 -6.77 6.03 23.61
N ALA A 231 -7.24 6.20 24.84
CA ALA A 231 -8.46 6.96 25.10
C ALA A 231 -8.21 8.48 25.04
N THR A 232 -7.02 8.91 25.43
CA THR A 232 -6.69 10.33 25.44
C THR A 232 -6.06 10.77 24.13
N LEU A 233 -5.70 9.80 23.30
CA LEU A 233 -4.95 9.97 22.05
C LEU A 233 -3.48 10.28 22.31
N MET A 234 -3.05 10.19 23.57
CA MET A 234 -1.64 10.37 23.88
C MET A 234 -0.80 9.24 23.26
N ASN A 235 -1.41 8.05 23.14
CA ASN A 235 -0.75 6.93 22.49
C ASN A 235 -0.35 7.30 21.08
N LYS A 236 -1.25 7.96 20.37
CA LYS A 236 -0.98 8.39 19.01
C LYS A 236 0.02 9.54 19.04
N GLY A 237 -0.10 10.41 20.04
CA GLY A 237 0.86 11.48 20.22
C GLY A 237 2.28 10.96 20.37
N LEU A 238 2.44 9.89 21.12
CA LEU A 238 3.75 9.27 21.30
C LEU A 238 4.21 8.63 20.00
N GLU A 239 3.29 7.99 19.31
CA GLU A 239 3.61 7.33 18.05
C GLU A 239 4.03 8.37 17.01
N LEU A 240 3.43 9.55 17.08
CA LEU A 240 3.79 10.63 16.18
C LEU A 240 5.22 11.08 16.43
N ILE A 241 5.59 11.24 17.69
CA ILE A 241 6.95 11.64 18.05
C ILE A 241 7.94 10.63 17.50
N GLU A 242 7.65 9.34 17.71
CA GLU A 242 8.50 8.26 17.19
C GLU A 242 8.63 8.32 15.67
N ALA A 243 7.50 8.50 15.00
CA ALA A 243 7.47 8.57 13.54
C ALA A 243 8.37 9.69 13.03
N CYS A 244 8.29 10.83 13.71
CA CYS A 244 9.08 12.00 13.31
C CYS A 244 10.57 11.73 13.40
N HIS A 245 11.00 11.02 14.45
CA HIS A 245 12.39 10.65 14.60
C HIS A 245 12.78 9.59 13.59
N LEU A 246 12.03 8.50 13.56
CA LEU A 246 12.34 7.34 12.73
C LEU A 246 12.46 7.71 11.25
N PHE A 247 11.49 8.47 10.75
CA PHE A 247 11.45 8.77 9.33
C PHE A 247 11.99 10.16 8.99
N SER A 248 12.62 10.80 9.97
CA SER A 248 13.24 12.11 9.80
C SER A 248 12.30 13.10 9.12
N ILE A 249 11.13 13.31 9.74
CA ILE A 249 10.12 14.15 9.14
C ILE A 249 9.48 14.99 10.24
N SER A 250 9.33 16.28 9.97
CA SER A 250 8.77 17.18 10.97
C SER A 250 7.29 16.89 11.17
N GLU A 251 6.79 17.21 12.36
CA GLU A 251 5.43 16.84 12.74
C GLU A 251 4.35 17.40 11.81
N HIS A 252 4.61 18.52 11.15
CA HIS A 252 3.55 19.11 10.32
C HIS A 252 3.33 18.34 9.01
N PHE A 253 4.17 17.35 8.71
CA PHE A 253 3.90 16.48 7.57
C PHE A 253 3.18 15.21 8.01
N VAL A 254 2.81 15.15 9.29
CA VAL A 254 2.10 13.98 9.83
C VAL A 254 0.68 14.37 10.21
N THR A 255 -0.30 13.74 9.56
CA THR A 255 -1.70 13.97 9.87
C THR A 255 -2.26 12.76 10.61
N VAL A 256 -2.91 13.00 11.74
CA VAL A 256 -3.57 11.92 12.45
C VAL A 256 -4.96 11.75 11.89
N VAL A 257 -5.28 10.51 11.51
CA VAL A 257 -6.60 10.18 10.98
C VAL A 257 -7.24 9.16 11.90
N VAL A 258 -8.42 9.49 12.44
CA VAL A 258 -9.11 8.52 13.28
C VAL A 258 -9.79 7.49 12.39
N HIS A 259 -9.51 6.22 12.69
CA HIS A 259 -10.01 5.10 11.89
C HIS A 259 -10.41 3.98 12.83
N PRO A 260 -11.67 3.96 13.25
CA PRO A 260 -12.13 3.10 14.35
C PRO A 260 -11.90 1.60 14.14
N GLN A 261 -12.02 1.10 12.92
CA GLN A 261 -11.89 -0.34 12.69
C GLN A 261 -10.43 -0.79 12.81
N SER A 262 -9.50 0.15 12.66
CA SER A 262 -8.06 -0.11 12.79
C SER A 262 -7.58 -1.26 11.90
N ILE A 263 -8.19 -1.38 10.72
CA ILE A 263 -7.77 -2.38 9.75
C ILE A 263 -6.65 -1.80 8.90
N ILE A 264 -6.81 -0.56 8.45
CA ILE A 264 -5.73 0.19 7.85
C ILE A 264 -4.82 0.65 8.99
N HIS A 265 -3.52 0.40 8.88
CA HIS A 265 -2.61 0.59 10.02
C HIS A 265 -1.80 1.87 9.92
N SER A 266 -1.72 2.43 8.71
CA SER A 266 -1.32 3.82 8.43
C SER A 266 -1.14 3.96 6.93
N MET A 267 -0.91 5.19 6.47
CA MET A 267 -0.81 5.46 5.04
C MET A 267 0.28 6.49 4.71
N VAL A 268 0.67 6.51 3.45
CA VAL A 268 1.62 7.50 2.93
C VAL A 268 1.07 8.11 1.64
N GLN A 269 1.07 9.43 1.57
CA GLN A 269 0.60 10.12 0.38
C GLN A 269 1.77 10.61 -0.45
N TYR A 270 1.57 10.69 -1.77
CA TYR A 270 2.64 11.04 -2.70
C TYR A 270 2.27 12.23 -3.59
N VAL A 271 3.29 12.82 -4.20
CA VAL A 271 3.13 14.05 -4.99
C VAL A 271 2.36 13.83 -6.29
N ASP A 272 2.18 12.58 -6.72
CA ASP A 272 1.40 12.34 -7.95
C ASP A 272 -0.09 12.16 -7.64
N GLY A 273 -0.44 12.23 -6.35
CA GLY A 273 -1.81 12.04 -5.92
C GLY A 273 -2.09 10.67 -5.31
N SER A 274 -1.12 9.78 -5.39
CA SER A 274 -1.28 8.43 -4.82
C SER A 274 -1.26 8.44 -3.30
N THR A 275 -2.05 7.54 -2.73
CA THR A 275 -1.94 7.19 -1.32
C THR A 275 -1.73 5.68 -1.21
N LEU A 276 -0.70 5.27 -0.48
CA LEU A 276 -0.45 3.85 -0.28
C LEU A 276 -0.79 3.47 1.16
N ALA A 277 -1.35 2.27 1.33
CA ALA A 277 -1.79 1.83 2.64
C ALA A 277 -1.32 0.42 2.95
N GLN A 278 -0.99 0.17 4.22
CA GLN A 278 -0.84 -1.20 4.72
C GLN A 278 -2.03 -1.52 5.61
N MET A 279 -2.60 -2.70 5.44
CA MET A 279 -3.76 -3.11 6.20
C MET A 279 -3.67 -4.61 6.47
N GLY A 280 -4.38 -5.07 7.50
CA GLY A 280 -4.39 -6.48 7.82
C GLY A 280 -5.13 -6.80 9.11
N ASN A 281 -5.25 -8.09 9.40
CA ASN A 281 -5.83 -8.54 10.67
C ASN A 281 -4.91 -8.11 11.82
N PRO A 282 -5.50 -7.92 13.02
CA PRO A 282 -4.71 -7.48 14.18
C PRO A 282 -3.85 -8.60 14.73
N ASP A 283 -2.62 -8.72 14.23
CA ASP A 283 -1.71 -9.78 14.67
C ASP A 283 -0.28 -9.28 14.48
N MET A 284 0.42 -9.10 15.60
CA MET A 284 1.76 -8.52 15.57
C MET A 284 2.77 -9.38 14.81
N CYS A 285 2.44 -10.64 14.58
CA CYS A 285 3.29 -11.52 13.77
C CYS A 285 3.53 -10.93 12.38
N THR A 286 2.56 -10.19 11.84
CA THR A 286 2.71 -9.59 10.52
C THR A 286 3.84 -8.55 10.51
N PRO A 287 3.73 -7.46 11.31
CA PRO A 287 4.86 -6.51 11.26
C PRO A 287 6.18 -7.06 11.81
N ILE A 288 6.14 -7.98 12.77
CA ILE A 288 7.37 -8.60 13.28
C ILE A 288 8.07 -9.34 12.15
N ALA A 289 7.33 -10.17 11.43
CA ALA A 289 7.90 -10.93 10.32
C ALA A 289 8.45 -10.01 9.24
N HIS A 290 7.73 -8.93 8.96
CA HIS A 290 8.19 -7.98 7.95
C HIS A 290 9.53 -7.38 8.34
N ALA A 291 9.63 -6.89 9.56
CA ALA A 291 10.85 -6.23 10.03
C ALA A 291 12.02 -7.21 10.16
N LEU A 292 11.69 -8.44 10.54
CA LEU A 292 12.70 -9.44 10.78
C LEU A 292 13.45 -9.80 9.51
N ALA A 293 12.70 -9.93 8.41
CA ALA A 293 13.25 -10.46 7.18
C ALA A 293 13.42 -9.41 6.07
N TRP A 294 12.91 -8.20 6.28
CA TRP A 294 13.04 -7.13 5.29
C TRP A 294 14.46 -7.06 4.70
N PRO A 295 14.59 -6.91 3.37
CA PRO A 295 13.56 -6.66 2.36
C PRO A 295 12.83 -7.90 1.83
N GLU A 296 13.16 -9.08 2.33
CA GLU A 296 12.45 -10.28 1.92
C GLU A 296 11.18 -10.45 2.75
N ARG A 297 10.16 -11.06 2.14
CA ARG A 297 8.93 -11.40 2.86
C ARG A 297 9.10 -12.77 3.50
N LEU A 298 8.41 -12.97 4.63
CA LEU A 298 8.54 -14.19 5.41
C LEU A 298 7.16 -14.80 5.68
N GLN A 299 7.02 -16.08 5.38
CA GLN A 299 5.76 -16.81 5.59
C GLN A 299 5.31 -16.76 7.06
N THR A 300 4.05 -16.40 7.28
CA THR A 300 3.43 -16.56 8.61
C THR A 300 2.12 -17.32 8.49
N ASN A 301 1.50 -17.58 9.64
CA ASN A 301 0.19 -18.22 9.67
C ASN A 301 -0.92 -17.20 9.95
N VAL A 302 -0.58 -15.92 9.86
CA VAL A 302 -1.58 -14.87 10.02
C VAL A 302 -2.60 -14.98 8.88
N PRO A 303 -3.89 -15.08 9.23
CA PRO A 303 -4.92 -15.19 8.17
C PRO A 303 -4.90 -13.98 7.25
N ALA A 304 -5.12 -14.21 5.97
CA ALA A 304 -5.23 -13.11 5.00
C ALA A 304 -6.38 -12.21 5.41
N LEU A 305 -6.26 -10.91 5.15
CA LEU A 305 -7.33 -9.97 5.44
C LEU A 305 -8.56 -10.29 4.59
N ASP A 306 -9.69 -10.51 5.26
CA ASP A 306 -10.93 -10.86 4.57
C ASP A 306 -11.88 -9.67 4.57
N LEU A 307 -11.89 -8.91 3.47
CA LEU A 307 -12.69 -7.71 3.38
C LEU A 307 -14.17 -8.00 3.20
N PHE A 308 -14.51 -9.25 2.92
CA PHE A 308 -15.92 -9.64 2.82
C PHE A 308 -16.54 -9.74 4.21
N GLU A 309 -15.71 -10.10 5.19
CA GLU A 309 -16.13 -10.08 6.59
C GLU A 309 -15.99 -8.69 7.19
N TYR A 310 -14.80 -8.12 7.05
CA TYR A 310 -14.56 -6.77 7.55
C TYR A 310 -14.81 -5.79 6.42
N SER A 311 -16.10 -5.53 6.20
CA SER A 311 -16.59 -4.96 4.94
C SER A 311 -16.80 -3.45 4.99
N GLN A 312 -16.31 -2.79 6.03
CA GLN A 312 -16.45 -1.35 6.12
C GLN A 312 -15.28 -0.70 6.85
N LEU A 313 -14.78 0.39 6.28
CA LEU A 313 -13.74 1.19 6.88
C LEU A 313 -14.24 2.63 7.01
N ASN A 314 -13.94 3.29 8.12
CA ASN A 314 -14.38 4.65 8.35
C ASN A 314 -13.25 5.55 8.82
N PHE A 315 -13.33 6.83 8.45
CA PHE A 315 -12.31 7.80 8.83
C PHE A 315 -12.94 9.09 9.30
N GLN A 316 -12.25 9.78 10.21
CA GLN A 316 -12.71 11.07 10.69
C GLN A 316 -11.54 11.82 11.31
N ALA A 317 -11.65 13.13 11.43
CA ALA A 317 -10.59 13.93 12.02
C ALA A 317 -10.65 13.86 13.54
N PRO A 318 -9.48 13.75 14.19
CA PRO A 318 -9.45 13.84 15.65
C PRO A 318 -9.85 15.22 16.12
N ASP A 319 -10.64 15.28 17.18
CA ASP A 319 -11.02 16.55 17.77
C ASP A 319 -9.93 16.99 18.74
N THR A 320 -9.10 17.94 18.32
CA THR A 320 -7.96 18.38 19.11
C THR A 320 -8.38 19.20 20.32
N GLN A 321 -9.59 19.75 20.27
CA GLN A 321 -10.15 20.45 21.42
C GLN A 321 -10.53 19.45 22.52
N LYS A 322 -11.21 18.38 22.11
CA LYS A 322 -11.62 17.32 23.03
C LYS A 322 -10.44 16.51 23.54
N PHE A 323 -9.43 16.33 22.68
CA PHE A 323 -8.28 15.49 23.03
C PHE A 323 -6.99 16.26 22.82
N PRO A 324 -6.67 17.15 23.76
CA PRO A 324 -5.51 18.05 23.63
C PRO A 324 -4.16 17.33 23.70
N ALA A 325 -4.14 16.07 24.08
CA ALA A 325 -2.89 15.30 24.17
C ALA A 325 -2.11 15.33 22.85
N LEU A 326 -2.83 15.30 21.73
CA LEU A 326 -2.19 15.29 20.41
C LEU A 326 -1.38 16.56 20.19
N ASN A 327 -1.99 17.71 20.46
CA ASN A 327 -1.30 18.97 20.27
C ASN A 327 -0.13 19.12 21.23
N LEU A 328 -0.26 18.55 22.42
CA LEU A 328 0.82 18.57 23.39
C LEU A 328 2.02 17.80 22.84
N ALA A 329 1.74 16.70 22.16
CA ALA A 329 2.79 15.86 21.58
C ALA A 329 3.46 16.58 20.42
N ARG A 330 2.67 17.29 19.62
CA ARG A 330 3.21 18.10 18.52
C ARG A 330 4.07 19.22 19.09
N GLN A 331 3.57 19.85 20.15
CA GLN A 331 4.29 20.90 20.86
C GLN A 331 5.65 20.39 21.35
N ALA A 332 5.65 19.23 22.00
CA ALA A 332 6.89 18.62 22.48
C ALA A 332 7.84 18.33 21.33
N MET A 333 7.29 17.82 20.23
CA MET A 333 8.10 17.47 19.08
C MET A 333 8.77 18.70 18.50
N ARG A 334 8.01 19.79 18.35
CA ARG A 334 8.56 21.04 17.85
C ARG A 334 9.65 21.56 18.78
N ALA A 335 9.41 21.46 20.08
CA ALA A 335 10.40 21.91 21.06
C ALA A 335 11.68 21.06 21.01
N GLY A 336 11.53 19.78 20.73
CA GLY A 336 12.65 18.86 20.68
C GLY A 336 13.32 18.66 22.03
N GLY A 337 14.58 18.21 22.00
CA GLY A 337 15.35 17.98 23.21
C GLY A 337 14.68 17.01 24.18
N LEU A 338 14.55 17.43 25.43
CA LEU A 338 13.97 16.58 26.48
C LEU A 338 12.47 16.77 26.63
N ALA A 339 11.88 17.61 25.80
CA ALA A 339 10.44 17.85 25.85
C ALA A 339 9.62 16.55 25.69
N PRO A 340 9.95 15.68 24.73
CA PRO A 340 9.17 14.45 24.67
C PRO A 340 9.37 13.54 25.90
N THR A 341 10.56 13.56 26.49
CA THR A 341 10.82 12.84 27.72
C THR A 341 9.94 13.38 28.86
N ILE A 342 9.86 14.70 28.95
CA ILE A 342 9.06 15.37 29.99
C ILE A 342 7.58 15.05 29.81
N LEU A 343 7.13 15.13 28.57
CA LEU A 343 5.76 14.79 28.21
C LEU A 343 5.44 13.37 28.62
N ASN A 344 6.33 12.45 28.29
CA ASN A 344 6.11 11.03 28.54
C ASN A 344 6.06 10.73 30.04
N ALA A 345 6.99 11.31 30.79
CA ALA A 345 7.04 11.10 32.23
C ALA A 345 5.78 11.65 32.91
N ALA A 346 5.39 12.87 32.54
CA ALA A 346 4.24 13.50 33.15
C ALA A 346 2.96 12.74 32.84
N ASN A 347 2.85 12.26 31.60
CA ASN A 347 1.67 11.50 31.19
C ASN A 347 1.53 10.22 32.01
N GLU A 348 2.65 9.54 32.25
CA GLU A 348 2.62 8.32 33.04
C GLU A 348 2.11 8.56 34.46
N ILE A 349 2.58 9.63 35.09
CA ILE A 349 2.16 9.96 36.44
C ILE A 349 0.69 10.37 36.44
N ALA A 350 0.29 11.13 35.42
CA ALA A 350 -1.10 11.55 35.27
C ALA A 350 -2.02 10.35 35.08
N VAL A 351 -1.63 9.43 34.19
CA VAL A 351 -2.44 8.24 33.93
C VAL A 351 -2.60 7.42 35.22
N GLU A 352 -1.50 7.22 35.94
CA GLU A 352 -1.53 6.51 37.21
C GLU A 352 -2.48 7.20 38.19
N ALA A 353 -2.39 8.51 38.27
CA ALA A 353 -3.28 9.29 39.14
C ALA A 353 -4.74 9.07 38.75
N PHE A 354 -5.00 9.09 37.44
CA PHE A 354 -6.37 8.91 36.96
C PHE A 354 -6.91 7.52 37.32
N LEU A 355 -6.08 6.50 37.15
CA LEU A 355 -6.46 5.12 37.43
C LEU A 355 -6.70 4.89 38.93
N MET A 356 -6.05 5.69 39.77
CA MET A 356 -6.23 5.57 41.20
C MET A 356 -7.32 6.51 41.68
N GLU A 357 -8.04 7.09 40.72
CA GLU A 357 -9.19 7.95 40.98
C GLU A 357 -8.84 9.17 41.82
N ARG A 358 -7.63 9.71 41.59
CA ARG A 358 -7.19 10.90 42.30
C ARG A 358 -7.46 12.16 41.49
N ILE A 359 -7.48 12.03 40.17
CA ILE A 359 -7.81 13.14 39.27
C ILE A 359 -8.79 12.64 38.21
N GLY A 360 -9.47 13.58 37.56
CA GLY A 360 -10.38 13.24 36.48
C GLY A 360 -9.67 12.97 35.18
N PHE A 361 -10.38 12.33 34.25
CA PHE A 361 -9.85 11.99 32.93
C PHE A 361 -9.33 13.22 32.18
N THR A 362 -10.10 14.30 32.21
CA THR A 362 -9.74 15.50 31.46
C THR A 362 -8.55 16.22 32.10
N SER A 363 -8.17 15.84 33.32
CA SER A 363 -7.03 16.47 33.99
C SER A 363 -5.69 15.86 33.57
N ILE A 364 -5.74 14.77 32.80
CA ILE A 364 -4.50 14.13 32.34
C ILE A 364 -3.69 15.07 31.43
N PRO A 365 -4.33 15.65 30.37
CA PRO A 365 -3.51 16.59 29.59
C PRO A 365 -3.17 17.85 30.37
N GLN A 366 -3.96 18.19 31.38
CA GLN A 366 -3.68 19.32 32.24
C GLN A 366 -2.38 19.11 33.02
N VAL A 367 -2.19 17.91 33.56
CA VAL A 367 -0.94 17.58 34.24
C VAL A 367 0.23 17.67 33.27
N VAL A 368 0.05 17.09 32.08
CA VAL A 368 1.11 17.10 31.08
C VAL A 368 1.46 18.52 30.67
N GLU A 369 0.46 19.33 30.36
CA GLU A 369 0.67 20.70 29.93
C GLU A 369 1.42 21.52 30.99
N HIS A 370 0.97 21.39 32.24
CA HIS A 370 1.61 22.11 33.33
C HIS A 370 3.08 21.75 33.48
N THR A 371 3.40 20.47 33.36
CA THR A 371 4.76 19.99 33.59
C THR A 371 5.70 20.48 32.49
N LEU A 372 5.23 20.42 31.25
CA LEU A 372 5.97 20.94 30.10
C LEU A 372 6.24 22.43 30.24
N GLU A 373 5.30 23.14 30.85
CA GLU A 373 5.43 24.59 31.03
C GLU A 373 6.41 24.95 32.14
N LYS A 374 6.35 24.23 33.25
CA LYS A 374 7.16 24.57 34.42
C LYS A 374 8.61 24.15 34.27
N LEU A 375 8.86 23.08 33.52
CA LEU A 375 10.18 22.46 33.48
C LEU A 375 11.00 22.90 32.26
N GLU A 376 12.20 23.40 32.50
CA GLU A 376 13.03 23.93 31.43
C GLU A 376 13.54 22.82 30.52
N ASN A 377 13.53 23.08 29.21
CA ASN A 377 13.97 22.10 28.23
C ASN A 377 15.49 22.09 28.13
N ALA A 378 16.04 20.95 27.72
CA ALA A 378 17.47 20.83 27.47
C ALA A 378 17.71 19.72 26.45
N ALA A 379 18.96 19.56 26.02
CA ALA A 379 19.28 18.56 25.01
C ALA A 379 19.24 17.15 25.57
N ALA A 380 18.66 16.23 24.80
CA ALA A 380 18.60 14.82 25.16
C ALA A 380 19.89 14.13 24.76
N GLU A 381 20.99 14.55 25.38
CA GLU A 381 22.33 14.17 24.93
C GLU A 381 22.79 12.79 25.38
N SER A 382 22.16 12.25 26.41
CA SER A 382 22.57 10.95 26.93
C SER A 382 21.45 10.29 27.72
N ILE A 383 21.55 8.98 27.88
CA ILE A 383 20.57 8.24 28.67
C ILE A 383 20.51 8.81 30.08
N GLU A 384 21.69 9.14 30.63
CA GLU A 384 21.77 9.68 31.99
C GLU A 384 21.01 11.01 32.13
N CYS A 385 21.22 11.92 31.19
CA CYS A 385 20.51 13.21 31.22
C CYS A 385 19.02 13.01 31.03
N ILE A 386 18.67 12.06 30.17
CA ILE A 386 17.28 11.74 29.88
C ILE A 386 16.58 11.23 31.14
N LEU A 387 17.20 10.26 31.81
CA LEU A 387 16.59 9.67 33.00
C LEU A 387 16.52 10.68 34.14
N ASP A 388 17.56 11.49 34.29
CA ASP A 388 17.55 12.58 35.28
C ASP A 388 16.35 13.51 35.08
N LYS A 389 16.09 13.88 33.83
CA LYS A 389 15.00 14.79 33.52
C LYS A 389 13.66 14.09 33.69
N ASP A 390 13.62 12.81 33.31
CA ASP A 390 12.45 11.98 33.50
C ASP A 390 12.04 11.96 34.98
N LYS A 391 13.01 11.74 35.85
CA LYS A 391 12.78 11.72 37.31
C LYS A 391 12.22 13.05 37.83
N VAL A 392 12.81 14.17 37.40
CA VAL A 392 12.35 15.47 37.83
C VAL A 392 10.94 15.73 37.31
N ALA A 393 10.69 15.38 36.05
CA ALA A 393 9.37 15.56 35.43
C ALA A 393 8.29 14.82 36.21
N ARG A 394 8.59 13.61 36.66
CA ARG A 394 7.66 12.82 37.46
C ARG A 394 7.36 13.52 38.77
N SER A 395 8.41 14.06 39.39
CA SER A 395 8.26 14.79 40.65
C SER A 395 7.39 16.03 40.47
N VAL A 396 7.67 16.80 39.42
CA VAL A 396 6.91 18.01 39.12
C VAL A 396 5.44 17.67 38.84
N ALA A 397 5.21 16.58 38.10
CA ALA A 397 3.85 16.15 37.80
C ALA A 397 3.11 15.80 39.09
N GLN A 398 3.78 15.05 39.96
CA GLN A 398 3.18 14.60 41.21
C GLN A 398 2.82 15.79 42.10
N GLN A 399 3.73 16.75 42.19
CA GLN A 399 3.49 17.98 42.94
C GLN A 399 2.24 18.70 42.43
N TYR A 400 2.13 18.78 41.11
CA TYR A 400 1.00 19.49 40.52
C TYR A 400 -0.31 18.76 40.79
N ILE A 401 -0.25 17.43 40.73
CA ILE A 401 -1.40 16.60 41.03
C ILE A 401 -1.87 16.84 42.46
N SER A 402 -0.93 16.92 43.39
CA SER A 402 -1.27 17.24 44.78
C SER A 402 -1.90 18.63 44.85
N SER A 403 -1.39 19.57 44.07
CA SER A 403 -1.87 20.94 44.14
C SER A 403 -3.29 21.08 43.60
N ILE A 404 -3.76 20.11 42.82
CA ILE A 404 -5.11 20.18 42.27
C ILE A 404 -6.05 19.21 42.98
N GLY A 405 -5.65 18.76 44.16
CA GLY A 405 -6.50 17.93 45.00
C GLY A 405 -6.24 16.44 44.87
N GLY A 406 -5.23 16.08 44.07
CA GLY A 406 -4.90 14.69 43.85
C GLY A 406 -4.04 14.05 44.94
N THR B 10 16.26 14.78 -21.17
CA THR B 10 14.89 14.96 -21.60
C THR B 10 14.42 13.82 -22.49
N GLN B 11 13.21 13.33 -22.25
CA GLN B 11 12.69 12.18 -22.98
C GLN B 11 11.55 12.54 -23.92
N SER B 12 11.56 11.93 -25.11
CA SER B 12 10.56 12.22 -26.13
C SER B 12 9.39 11.25 -26.05
N VAL B 13 8.18 11.81 -26.12
CA VAL B 13 6.97 11.02 -25.99
C VAL B 13 6.19 10.97 -27.30
N CYS B 14 5.70 9.78 -27.63
CA CYS B 14 4.73 9.60 -28.70
C CYS B 14 3.38 9.24 -28.09
N ILE B 15 2.37 10.07 -28.32
CA ILE B 15 1.03 9.81 -27.80
C ILE B 15 0.10 9.28 -28.87
N LEU B 16 -0.20 7.98 -28.80
CA LEU B 16 -1.17 7.38 -29.69
C LEU B 16 -2.58 7.60 -29.14
N GLY B 17 -3.37 8.39 -29.86
CA GLY B 17 -4.70 8.75 -29.40
C GLY B 17 -4.64 9.91 -28.42
N VAL B 18 -4.29 11.09 -28.93
CA VAL B 18 -3.97 12.22 -28.09
C VAL B 18 -5.18 13.09 -27.73
N THR B 19 -6.28 12.97 -28.49
CA THR B 19 -7.42 13.86 -28.23
C THR B 19 -8.42 13.26 -27.24
N GLY B 20 -8.24 11.99 -26.90
CA GLY B 20 -9.09 11.34 -25.91
C GLY B 20 -8.79 11.77 -24.49
N SER B 21 -9.55 11.24 -23.53
CA SER B 21 -9.39 11.63 -22.12
C SER B 21 -8.00 11.27 -21.59
N ILE B 22 -7.49 10.11 -21.97
CA ILE B 22 -6.16 9.68 -21.56
C ILE B 22 -5.12 10.61 -22.19
N GLY B 23 -5.34 10.93 -23.46
CA GLY B 23 -4.46 11.85 -24.17
C GLY B 23 -4.39 13.20 -23.49
N ARG B 24 -5.56 13.76 -23.15
CA ARG B 24 -5.63 15.07 -22.51
C ARG B 24 -4.98 15.08 -21.12
N SER B 25 -5.21 14.02 -20.35
CA SER B 25 -4.60 13.91 -19.03
C SER B 25 -3.08 13.82 -19.15
N THR B 26 -2.62 13.08 -20.15
CA THR B 26 -1.19 12.96 -20.40
C THR B 26 -0.56 14.33 -20.73
N LEU B 27 -1.21 15.10 -21.59
CA LEU B 27 -0.72 16.42 -21.96
C LEU B 27 -0.63 17.38 -20.78
N LYS B 28 -1.62 17.30 -19.89
CA LYS B 28 -1.60 18.12 -18.68
C LYS B 28 -0.32 17.87 -17.90
N ILE B 29 0.07 16.60 -17.81
CA ILE B 29 1.27 16.23 -17.08
C ILE B 29 2.51 16.72 -17.81
N LEU B 30 2.58 16.44 -19.11
CA LEU B 30 3.76 16.80 -19.90
C LEU B 30 3.95 18.31 -19.96
N GLY B 31 2.85 19.04 -20.03
CA GLY B 31 2.88 20.48 -20.10
C GLY B 31 3.41 21.13 -18.82
N GLN B 32 3.37 20.37 -17.73
CA GLN B 32 3.90 20.85 -16.45
C GLN B 32 5.34 20.40 -16.24
N HIS B 33 5.82 19.55 -17.14
CA HIS B 33 7.20 19.08 -17.06
C HIS B 33 7.93 19.13 -18.42
N PRO B 34 8.00 20.33 -19.02
CA PRO B 34 8.66 20.47 -20.33
C PRO B 34 10.16 20.28 -20.22
N ASP B 35 10.68 20.38 -19.00
CA ASP B 35 12.09 20.19 -18.75
C ASP B 35 12.47 18.71 -18.75
N LYS B 36 11.49 17.83 -18.56
CA LYS B 36 11.76 16.39 -18.51
C LYS B 36 11.18 15.65 -19.72
N TYR B 37 10.17 16.24 -20.36
CA TYR B 37 9.50 15.56 -21.45
C TYR B 37 9.21 16.49 -22.61
N SER B 38 9.35 15.96 -23.82
CA SER B 38 8.92 16.67 -25.02
C SER B 38 8.01 15.73 -25.82
N VAL B 39 7.09 16.31 -26.59
CA VAL B 39 6.19 15.53 -27.43
C VAL B 39 6.74 15.47 -28.85
N PHE B 40 7.12 14.27 -29.29
CA PHE B 40 7.67 14.13 -30.62
C PHE B 40 6.59 13.86 -31.66
N ALA B 41 5.63 13.01 -31.30
CA ALA B 41 4.60 12.61 -32.23
C ALA B 41 3.26 12.41 -31.52
N VAL B 42 2.18 12.65 -32.24
CA VAL B 42 0.84 12.39 -31.72
C VAL B 42 -0.02 11.81 -32.83
N SER B 43 -1.06 11.08 -32.42
CA SER B 43 -2.05 10.59 -33.37
C SER B 43 -3.44 10.87 -32.84
N ALA B 44 -4.40 10.96 -33.75
CA ALA B 44 -5.80 11.14 -33.39
C ALA B 44 -6.67 10.62 -34.52
N HIS B 45 -7.82 10.05 -34.16
CA HIS B 45 -8.78 9.58 -35.16
C HIS B 45 -9.87 10.62 -35.37
N SER B 46 -10.03 11.51 -34.39
CA SER B 46 -11.07 12.53 -34.42
C SER B 46 -10.65 13.74 -33.61
N ARG B 47 -11.54 14.74 -33.55
CA ARG B 47 -11.27 16.00 -32.86
C ARG B 47 -10.04 16.68 -33.45
N ILE B 48 -10.07 16.88 -34.76
CA ILE B 48 -8.92 17.41 -35.49
C ILE B 48 -8.62 18.84 -35.08
N SER B 49 -9.67 19.62 -34.82
CA SER B 49 -9.50 21.01 -34.41
C SER B 49 -8.75 21.09 -33.10
N GLU B 50 -9.11 20.20 -32.17
CA GLU B 50 -8.44 20.15 -30.87
C GLU B 50 -7.01 19.67 -31.07
N LEU B 51 -6.81 18.75 -31.99
CA LEU B 51 -5.46 18.30 -32.35
C LEU B 51 -4.59 19.47 -32.82
N VAL B 52 -5.19 20.42 -33.53
CA VAL B 52 -4.45 21.59 -34.01
C VAL B 52 -3.95 22.44 -32.84
N GLU B 53 -4.82 22.69 -31.86
CA GLU B 53 -4.44 23.48 -30.70
C GLU B 53 -3.35 22.77 -29.90
N ILE B 54 -3.46 21.45 -29.82
CA ILE B 54 -2.43 20.63 -29.19
C ILE B 54 -1.10 20.81 -29.90
N CYS B 55 -1.12 20.79 -31.23
CA CYS B 55 0.10 20.95 -32.02
C CYS B 55 0.75 22.33 -31.79
N LYS B 56 -0.06 23.35 -31.58
CA LYS B 56 0.46 24.69 -31.34
C LYS B 56 1.31 24.73 -30.07
N GLN B 57 0.79 24.10 -29.01
CA GLN B 57 1.41 24.15 -27.70
C GLN B 57 2.59 23.18 -27.57
N PHE B 58 2.46 21.99 -28.13
CA PHE B 58 3.47 20.96 -27.91
C PHE B 58 4.40 20.72 -29.10
N ARG B 59 4.03 21.26 -30.26
CA ARG B 59 4.85 21.22 -31.47
C ARG B 59 5.50 19.87 -31.76
N PRO B 60 4.67 18.84 -31.97
CA PRO B 60 5.22 17.53 -32.33
C PRO B 60 5.88 17.60 -33.70
N LYS B 61 6.85 16.72 -33.97
CA LYS B 61 7.51 16.74 -35.26
C LYS B 61 6.66 15.99 -36.29
N VAL B 62 5.89 15.02 -35.82
CA VAL B 62 5.07 14.18 -36.69
C VAL B 62 3.66 14.04 -36.13
N VAL B 63 2.66 14.08 -37.00
CA VAL B 63 1.27 13.83 -36.58
CA VAL B 63 1.27 13.85 -36.59
C VAL B 63 0.64 12.80 -37.51
N VAL B 64 -0.13 11.88 -36.93
CA VAL B 64 -0.77 10.82 -37.70
C VAL B 64 -2.29 10.88 -37.55
N VAL B 65 -2.99 10.95 -38.67
CA VAL B 65 -4.45 10.87 -38.65
C VAL B 65 -4.89 9.89 -39.74
N PRO B 66 -6.12 9.36 -39.65
CA PRO B 66 -6.62 8.51 -40.72
C PRO B 66 -6.69 9.24 -42.05
N GLU B 67 -6.69 8.48 -43.13
CA GLU B 67 -6.69 9.04 -44.49
C GLU B 67 -7.84 10.03 -44.67
N GLN B 68 -9.00 9.69 -44.09
CA GLN B 68 -10.20 10.53 -44.22
C GLN B 68 -10.04 11.90 -43.53
N LYS B 69 -9.01 12.03 -42.70
CA LYS B 69 -8.83 13.25 -41.90
C LYS B 69 -7.64 14.08 -42.37
N ILE B 70 -6.94 13.61 -43.40
CA ILE B 70 -5.74 14.28 -43.89
C ILE B 70 -6.03 15.68 -44.41
N ALA B 71 -7.00 15.79 -45.32
CA ALA B 71 -7.33 17.07 -45.93
C ALA B 71 -7.80 18.09 -44.90
N GLU B 72 -8.60 17.63 -43.94
CA GLU B 72 -9.11 18.49 -42.88
C GLU B 72 -7.96 19.05 -42.05
N LEU B 73 -7.01 18.18 -41.68
CA LEU B 73 -5.88 18.59 -40.86
C LEU B 73 -4.99 19.61 -41.58
N LYS B 74 -4.66 19.30 -42.83
CA LYS B 74 -3.76 20.17 -43.59
C LYS B 74 -4.42 21.51 -43.86
N THR B 75 -5.74 21.53 -43.96
CA THR B 75 -6.46 22.78 -44.16
C THR B 75 -6.44 23.61 -42.88
N LEU B 76 -6.68 22.96 -41.74
CA LEU B 76 -6.63 23.65 -40.47
C LEU B 76 -5.21 24.14 -40.19
N PHE B 77 -4.21 23.31 -40.52
CA PHE B 77 -2.81 23.71 -40.41
C PHE B 77 -2.52 24.97 -41.23
N ALA B 78 -2.96 24.98 -42.48
CA ALA B 78 -2.75 26.13 -43.36
C ALA B 78 -3.46 27.36 -42.80
N GLN B 79 -4.69 27.15 -42.35
CA GLN B 79 -5.51 28.23 -41.80
C GLN B 79 -4.90 28.81 -40.52
N GLN B 80 -4.35 27.95 -39.65
CA GLN B 80 -3.75 28.42 -38.40
C GLN B 80 -2.27 28.77 -38.58
N ASN B 81 -1.81 28.75 -39.82
CA ASN B 81 -0.41 29.04 -40.16
C ASN B 81 0.56 28.16 -39.36
N ILE B 82 0.29 26.85 -39.38
CA ILE B 82 1.17 25.88 -38.74
C ILE B 82 1.96 25.15 -39.83
N SER B 83 3.28 25.20 -39.72
CA SER B 83 4.15 24.51 -40.66
C SER B 83 5.23 23.73 -39.91
N ASP B 84 6.07 23.03 -40.67
CA ASP B 84 7.18 22.24 -40.15
C ASP B 84 6.72 21.03 -39.33
N ILE B 85 5.55 20.51 -39.64
CA ILE B 85 5.05 19.29 -39.01
C ILE B 85 4.71 18.25 -40.07
N ASP B 86 5.38 17.10 -40.03
CA ASP B 86 5.12 16.03 -40.98
C ASP B 86 3.80 15.33 -40.66
N VAL B 87 2.95 15.19 -41.69
CA VAL B 87 1.69 14.49 -41.54
C VAL B 87 1.75 13.12 -42.20
N LEU B 88 1.55 12.08 -41.41
CA LEU B 88 1.45 10.71 -41.93
C LEU B 88 0.02 10.20 -41.78
N ALA B 89 -0.33 9.19 -42.56
CA ALA B 89 -1.69 8.66 -42.53
C ALA B 89 -1.76 7.19 -42.14
N GLY B 90 -2.87 6.81 -41.51
CA GLY B 90 -3.23 5.42 -41.33
C GLY B 90 -2.36 4.58 -40.42
N GLN B 91 -2.51 3.27 -40.55
CA GLN B 91 -1.83 2.31 -39.70
C GLN B 91 -0.32 2.34 -39.88
N GLU B 92 0.14 2.50 -41.12
CA GLU B 92 1.56 2.59 -41.39
C GLU B 92 2.15 3.79 -40.64
N GLY B 93 1.43 4.90 -40.65
CA GLY B 93 1.85 6.08 -39.91
C GLY B 93 1.95 5.83 -38.41
N LEU B 94 0.95 5.15 -37.86
CA LEU B 94 0.93 4.83 -36.43
C LEU B 94 2.13 3.97 -36.04
N VAL B 95 2.42 2.97 -36.86
CA VAL B 95 3.57 2.10 -36.64
C VAL B 95 4.86 2.92 -36.70
N ASP B 96 4.96 3.81 -37.68
CA ASP B 96 6.15 4.64 -37.86
C ASP B 96 6.48 5.49 -36.63
N ILE B 97 5.48 6.15 -36.05
CA ILE B 97 5.75 7.01 -34.90
C ILE B 97 5.92 6.18 -33.64
N ALA B 98 5.23 5.05 -33.55
CA ALA B 98 5.28 4.22 -32.34
C ALA B 98 6.64 3.52 -32.21
N SER B 99 7.34 3.39 -33.34
CA SER B 99 8.61 2.68 -33.35
C SER B 99 9.75 3.61 -33.75
N HIS B 100 9.46 4.90 -33.81
CA HIS B 100 10.42 5.89 -34.29
C HIS B 100 11.69 5.94 -33.44
N THR B 101 12.83 6.07 -34.10
CA THR B 101 14.12 6.13 -33.44
C THR B 101 14.21 7.27 -32.44
N ASP B 102 13.58 8.40 -32.76
CA ASP B 102 13.64 9.58 -31.90
C ASP B 102 12.56 9.57 -30.81
N VAL B 103 11.93 8.42 -30.60
CA VAL B 103 10.90 8.29 -29.56
C VAL B 103 11.42 7.45 -28.41
N ASP B 104 11.25 7.95 -27.18
CA ASP B 104 11.62 7.20 -25.99
C ASP B 104 10.41 6.53 -25.34
N ILE B 105 9.30 7.28 -25.25
CA ILE B 105 8.12 6.85 -24.51
C ILE B 105 6.91 6.83 -25.41
N VAL B 106 6.12 5.76 -25.34
CA VAL B 106 4.91 5.66 -26.12
C VAL B 106 3.70 5.50 -25.21
N MET B 107 2.78 6.44 -25.30
CA MET B 107 1.49 6.33 -24.62
C MET B 107 0.51 5.65 -25.58
N ALA B 108 0.20 4.39 -25.30
CA ALA B 108 -0.65 3.60 -26.19
C ALA B 108 -2.11 3.70 -25.77
N ALA B 109 -2.78 4.75 -26.22
CA ALA B 109 -4.16 5.02 -25.79
C ALA B 109 -5.19 4.81 -26.91
N ILE B 110 -4.76 4.23 -28.03
CA ILE B 110 -5.71 3.84 -29.07
C ILE B 110 -6.41 2.55 -28.65
N VAL B 111 -7.73 2.57 -28.61
CA VAL B 111 -8.49 1.39 -28.22
C VAL B 111 -8.89 0.56 -29.43
N GLY B 112 -9.29 -0.70 -29.18
CA GLY B 112 -9.73 -1.59 -30.24
C GLY B 112 -8.60 -2.25 -31.00
N ALA B 113 -8.97 -3.06 -31.99
CA ALA B 113 -8.01 -3.82 -32.78
C ALA B 113 -7.04 -2.90 -33.53
N ALA B 114 -7.47 -1.67 -33.78
CA ALA B 114 -6.65 -0.69 -34.49
C ALA B 114 -5.37 -0.32 -33.73
N GLY B 115 -5.36 -0.56 -32.42
CA GLY B 115 -4.22 -0.21 -31.59
C GLY B 115 -3.16 -1.29 -31.46
N LEU B 116 -3.49 -2.50 -31.92
CA LEU B 116 -2.64 -3.66 -31.71
C LEU B 116 -1.28 -3.55 -32.38
N LEU B 117 -1.29 -3.37 -33.69
CA LEU B 117 -0.05 -3.30 -34.46
C LEU B 117 0.85 -2.12 -34.07
N PRO B 118 0.27 -0.93 -33.82
CA PRO B 118 1.14 0.13 -33.31
C PRO B 118 1.72 -0.15 -31.92
N THR B 119 0.92 -0.70 -31.02
CA THR B 119 1.40 -1.01 -29.67
C THR B 119 2.51 -2.06 -29.69
N LEU B 120 2.32 -3.09 -30.51
CA LEU B 120 3.32 -4.15 -30.64
C LEU B 120 4.62 -3.61 -31.22
N ALA B 121 4.50 -2.72 -32.20
CA ALA B 121 5.66 -2.08 -32.80
C ALA B 121 6.46 -1.29 -31.76
N ALA B 122 5.75 -0.61 -30.87
CA ALA B 122 6.42 0.15 -29.82
C ALA B 122 7.15 -0.80 -28.88
N VAL B 123 6.51 -1.91 -28.57
CA VAL B 123 7.08 -2.91 -27.67
C VAL B 123 8.32 -3.55 -28.30
N LYS B 124 8.24 -3.87 -29.58
CA LYS B 124 9.34 -4.54 -30.26
C LYS B 124 10.49 -3.59 -30.53
N ALA B 125 10.21 -2.29 -30.45
CA ALA B 125 11.23 -1.26 -30.61
C ALA B 125 11.90 -0.94 -29.27
N GLY B 126 11.49 -1.62 -28.22
CA GLY B 126 12.10 -1.49 -26.91
C GLY B 126 11.81 -0.18 -26.19
N LYS B 127 10.69 0.43 -26.53
CA LYS B 127 10.28 1.68 -25.88
C LYS B 127 9.72 1.42 -24.49
N ARG B 128 9.67 2.46 -23.67
CA ARG B 128 8.79 2.44 -22.50
C ARG B 128 7.37 2.62 -23.02
N VAL B 129 6.56 1.57 -22.89
CA VAL B 129 5.21 1.60 -23.41
C VAL B 129 4.23 1.74 -22.27
N LEU B 130 3.50 2.86 -22.27
CA LEU B 130 2.46 3.07 -21.28
C LEU B 130 1.15 2.53 -21.83
N LEU B 131 0.71 1.41 -21.28
CA LEU B 131 -0.46 0.71 -21.79
C LEU B 131 -1.76 1.32 -21.30
N ALA B 132 -2.49 1.96 -22.20
CA ALA B 132 -3.75 2.58 -21.84
C ALA B 132 -4.90 2.07 -22.71
N ASN B 133 -4.81 0.79 -23.09
CA ASN B 133 -5.91 0.16 -23.82
C ASN B 133 -5.96 -1.30 -23.41
N LYS B 134 -7.15 -1.90 -23.47
CA LYS B 134 -7.32 -3.24 -22.96
C LYS B 134 -6.97 -4.33 -23.98
N GLU B 135 -7.18 -4.03 -25.26
CA GLU B 135 -7.05 -5.06 -26.29
C GLU B 135 -5.64 -5.64 -26.40
N ALA B 136 -4.63 -4.80 -26.14
CA ALA B 136 -3.23 -5.24 -26.22
C ALA B 136 -2.95 -6.50 -25.41
N LEU B 137 -3.56 -6.59 -24.23
CA LEU B 137 -3.35 -7.75 -23.37
C LEU B 137 -4.51 -8.74 -23.42
N VAL B 138 -5.72 -8.25 -23.68
CA VAL B 138 -6.88 -9.13 -23.77
C VAL B 138 -6.76 -10.02 -25.01
N MET B 139 -6.46 -9.39 -26.14
CA MET B 139 -6.40 -10.11 -27.40
C MET B 139 -5.02 -10.76 -27.60
N SER B 140 -3.97 -9.97 -27.41
CA SER B 140 -2.62 -10.40 -27.74
C SER B 140 -1.67 -10.41 -26.55
N GLY B 141 -2.19 -10.85 -25.40
CA GLY B 141 -1.41 -10.86 -24.16
C GLY B 141 -0.08 -11.59 -24.17
N GLU B 142 -0.09 -12.85 -24.61
CA GLU B 142 1.14 -13.64 -24.63
C GLU B 142 2.18 -13.01 -25.54
N ILE B 143 1.75 -12.61 -26.72
CA ILE B 143 2.63 -12.03 -27.73
C ILE B 143 3.21 -10.70 -27.25
N MET B 144 2.39 -9.87 -26.63
CA MET B 144 2.85 -8.57 -26.13
C MET B 144 3.87 -8.75 -25.01
N MET B 145 3.56 -9.62 -24.06
CA MET B 145 4.43 -9.83 -22.91
C MET B 145 5.73 -10.49 -23.34
N GLN B 146 5.64 -11.43 -24.28
CA GLN B 146 6.84 -12.07 -24.82
C GLN B 146 7.69 -11.07 -25.58
N ALA B 147 7.03 -10.21 -26.36
CA ALA B 147 7.75 -9.20 -27.12
C ALA B 147 8.46 -8.23 -26.18
N ALA B 148 7.80 -7.88 -25.08
CA ALA B 148 8.38 -6.95 -24.10
C ALA B 148 9.67 -7.53 -23.50
N ARG B 149 9.67 -8.81 -23.21
CA ARG B 149 10.85 -9.48 -22.67
C ARG B 149 11.94 -9.63 -23.73
N ASP B 150 11.53 -9.97 -24.94
CA ASP B 150 12.46 -10.24 -26.03
C ASP B 150 13.18 -9.00 -26.52
N HIS B 151 12.60 -7.83 -26.27
CA HIS B 151 13.15 -6.59 -26.80
C HIS B 151 13.44 -5.57 -25.72
N GLN B 152 13.47 -6.03 -24.47
CA GLN B 152 13.79 -5.17 -23.33
C GLN B 152 12.89 -3.94 -23.28
N ALA B 153 11.62 -4.13 -23.59
CA ALA B 153 10.66 -3.03 -23.51
C ALA B 153 10.14 -2.92 -22.09
N LEU B 154 9.69 -1.73 -21.72
CA LEU B 154 9.12 -1.52 -20.40
C LEU B 154 7.62 -1.30 -20.52
N LEU B 155 6.86 -2.37 -20.31
CA LEU B 155 5.40 -2.32 -20.38
C LEU B 155 4.81 -1.97 -19.02
N LEU B 156 4.23 -0.79 -18.91
CA LEU B 156 3.67 -0.34 -17.64
C LEU B 156 2.20 0.02 -17.78
N PRO B 157 1.37 -0.42 -16.81
CA PRO B 157 -0.08 -0.20 -16.86
C PRO B 157 -0.47 1.23 -16.51
N VAL B 158 -1.39 1.78 -17.28
CA VAL B 158 -1.89 3.13 -17.05
C VAL B 158 -3.27 3.07 -16.37
N ASP B 159 -4.02 2.01 -16.68
CA ASP B 159 -5.35 1.87 -16.09
C ASP B 159 -5.27 1.76 -14.58
N SER B 160 -6.26 2.33 -13.91
CA SER B 160 -6.27 2.52 -12.46
C SER B 160 -5.98 1.25 -11.66
N GLU B 161 -6.72 0.17 -11.95
CA GLU B 161 -6.61 -1.02 -11.14
C GLU B 161 -5.24 -1.68 -11.31
N HIS B 162 -4.78 -1.78 -12.55
CA HIS B 162 -3.50 -2.42 -12.84
C HIS B 162 -2.34 -1.61 -12.31
N ASN B 163 -2.44 -0.29 -12.40
CA ASN B 163 -1.43 0.59 -11.87
C ASN B 163 -1.39 0.48 -10.34
N ALA B 164 -2.56 0.36 -9.73
CA ALA B 164 -2.66 0.19 -8.29
C ALA B 164 -1.97 -1.10 -7.85
N ILE B 165 -2.20 -2.18 -8.59
CA ILE B 165 -1.56 -3.46 -8.31
C ILE B 165 -0.05 -3.29 -8.43
N PHE B 166 0.36 -2.64 -9.51
CA PHE B 166 1.76 -2.33 -9.76
C PHE B 166 2.40 -1.58 -8.57
N GLN B 167 1.68 -0.62 -8.01
CA GLN B 167 2.19 0.17 -6.89
C GLN B 167 2.18 -0.62 -5.59
N SER B 168 1.41 -1.72 -5.57
CA SER B 168 1.21 -2.48 -4.35
C SER B 168 2.05 -3.75 -4.34
N LEU B 169 2.77 -3.97 -5.45
CA LEU B 169 3.66 -5.12 -5.61
C LEU B 169 5.06 -4.76 -5.13
N PRO B 170 5.90 -5.78 -4.89
CA PRO B 170 7.31 -5.51 -4.57
C PRO B 170 7.97 -4.65 -5.66
N HIS B 171 8.86 -3.75 -5.27
CA HIS B 171 9.47 -2.81 -6.20
C HIS B 171 10.19 -3.49 -7.37
N ASN B 172 10.63 -4.72 -7.16
CA ASN B 172 11.37 -5.43 -8.20
C ASN B 172 10.57 -6.57 -8.80
N TYR B 173 9.25 -6.44 -8.85
CA TYR B 173 8.40 -7.56 -9.27
C TYR B 173 8.57 -7.85 -10.76
N LEU B 174 9.11 -6.90 -11.52
CA LEU B 174 9.39 -7.12 -12.93
C LEU B 174 10.52 -8.14 -13.14
N GLN B 175 11.40 -8.27 -12.15
CA GLN B 175 12.52 -9.20 -12.25
C GLN B 175 12.16 -10.60 -11.74
N ALA B 176 10.96 -10.74 -11.20
CA ALA B 176 10.50 -12.03 -10.67
C ALA B 176 10.32 -13.04 -11.80
N ASP B 177 10.41 -14.32 -11.45
CA ASP B 177 10.17 -15.39 -12.42
C ASP B 177 8.75 -15.34 -12.94
N ARG B 178 8.57 -15.69 -14.21
CA ARG B 178 7.23 -15.76 -14.78
C ARG B 178 6.79 -17.22 -14.88
N THR B 179 5.96 -17.65 -13.92
CA THR B 179 5.57 -19.05 -13.85
C THR B 179 4.06 -19.24 -13.73
N GLY B 180 3.34 -18.14 -13.54
CA GLY B 180 1.92 -18.22 -13.27
C GLY B 180 1.65 -18.20 -11.77
N GLN B 181 2.68 -18.46 -10.98
CA GLN B 181 2.56 -18.40 -9.53
C GLN B 181 2.98 -17.03 -9.01
N PRO B 182 2.30 -16.54 -7.96
CA PRO B 182 2.74 -15.28 -7.34
C PRO B 182 4.14 -15.44 -6.79
N GLN B 183 4.94 -14.37 -6.85
CA GLN B 183 6.35 -14.45 -6.46
C GLN B 183 6.66 -13.48 -5.34
N LEU B 184 7.88 -13.57 -4.80
CA LEU B 184 8.43 -12.59 -3.88
C LEU B 184 7.52 -12.30 -2.68
N GLY B 185 6.85 -13.32 -2.17
CA GLY B 185 6.04 -13.17 -0.98
C GLY B 185 4.61 -12.73 -1.22
N VAL B 186 4.25 -12.52 -2.49
CA VAL B 186 2.87 -12.23 -2.86
C VAL B 186 2.03 -13.50 -2.70
N SER B 187 0.85 -13.38 -2.10
CA SER B 187 -0.04 -14.53 -1.97
C SER B 187 -1.32 -14.35 -2.77
N LYS B 188 -1.78 -13.11 -2.91
CA LYS B 188 -3.05 -12.85 -3.57
C LYS B 188 -3.12 -11.45 -4.16
N ILE B 189 -3.85 -11.31 -5.26
CA ILE B 189 -4.13 -10.00 -5.83
C ILE B 189 -5.62 -9.73 -5.66
N LEU B 190 -5.96 -8.59 -5.09
CA LEU B 190 -7.36 -8.21 -4.92
C LEU B 190 -7.73 -7.16 -5.96
N LEU B 191 -8.44 -7.58 -7.00
CA LEU B 191 -8.87 -6.70 -8.08
C LEU B 191 -10.20 -6.06 -7.72
N THR B 192 -10.20 -4.75 -7.45
CA THR B 192 -11.40 -4.10 -6.98
C THR B 192 -12.31 -3.66 -8.13
N ALA B 193 -13.61 -3.62 -7.86
CA ALA B 193 -14.62 -3.29 -8.85
C ALA B 193 -15.70 -2.41 -8.23
N SER B 194 -16.23 -1.47 -9.00
CA SER B 194 -17.30 -0.61 -8.50
C SER B 194 -18.57 -1.43 -8.29
N GLY B 195 -18.71 -2.49 -9.09
CA GLY B 195 -19.90 -3.34 -9.02
C GLY B 195 -20.99 -2.90 -9.99
N GLY B 196 -20.82 -1.73 -10.57
CA GLY B 196 -21.78 -1.18 -11.52
C GLY B 196 -23.06 -0.71 -10.84
N PRO B 197 -23.99 -0.17 -11.64
CA PRO B 197 -25.24 0.41 -11.14
C PRO B 197 -26.23 -0.64 -10.62
N PHE B 198 -26.10 -1.89 -11.04
CA PHE B 198 -27.08 -2.90 -10.69
C PHE B 198 -26.53 -3.84 -9.62
N LEU B 199 -25.67 -3.29 -8.76
CA LEU B 199 -24.93 -4.05 -7.77
C LEU B 199 -25.82 -4.92 -6.88
N ASN B 200 -26.92 -4.35 -6.37
CA ASN B 200 -27.73 -5.06 -5.39
C ASN B 200 -29.07 -5.54 -5.94
N HIS B 201 -29.19 -5.65 -7.26
CA HIS B 201 -30.42 -6.14 -7.85
C HIS B 201 -30.54 -7.65 -7.69
N SER B 202 -31.77 -8.12 -7.58
CA SER B 202 -32.02 -9.56 -7.57
C SER B 202 -31.82 -10.12 -8.98
N LEU B 203 -31.87 -11.44 -9.11
CA LEU B 203 -31.72 -12.10 -10.40
C LEU B 203 -32.82 -11.64 -11.35
N GLU B 204 -34.05 -11.57 -10.83
CA GLU B 204 -35.21 -11.20 -11.63
C GLU B 204 -35.14 -9.73 -12.05
N GLN B 205 -34.57 -8.89 -11.19
CA GLN B 205 -34.47 -7.47 -11.50
C GLN B 205 -33.47 -7.19 -12.62
N LEU B 206 -32.38 -7.96 -12.64
CA LEU B 206 -31.35 -7.79 -13.66
C LEU B 206 -31.90 -8.00 -15.08
N VAL B 207 -32.86 -8.91 -15.20
CA VAL B 207 -33.46 -9.24 -16.49
C VAL B 207 -34.09 -8.01 -17.14
N HIS B 208 -34.61 -7.11 -16.31
CA HIS B 208 -35.42 -6.00 -16.82
C HIS B 208 -34.71 -4.65 -16.88
N VAL B 209 -33.39 -4.62 -16.68
CA VAL B 209 -32.69 -3.35 -16.75
C VAL B 209 -32.57 -2.93 -18.22
N THR B 210 -32.54 -1.62 -18.44
CA THR B 210 -32.62 -1.06 -19.79
C THR B 210 -31.26 -0.49 -20.21
N PRO B 211 -31.09 -0.24 -21.52
CA PRO B 211 -29.86 0.41 -21.99
C PRO B 211 -29.60 1.75 -21.29
N GLN B 212 -30.65 2.54 -21.13
CA GLN B 212 -30.54 3.87 -20.51
C GLN B 212 -30.04 3.78 -19.07
N GLN B 213 -30.38 2.68 -18.40
CA GLN B 213 -29.95 2.46 -17.02
C GLN B 213 -28.50 1.95 -16.98
N ALA B 214 -28.07 1.32 -18.06
CA ALA B 214 -26.73 0.76 -18.14
C ALA B 214 -25.72 1.83 -18.53
N GLN B 224 -19.99 4.05 -24.40
CA GLN B 224 -21.18 3.29 -24.07
C GLN B 224 -20.83 1.85 -23.67
N LYS B 225 -19.93 1.24 -24.44
CA LYS B 225 -19.52 -0.15 -24.19
C LYS B 225 -18.90 -0.31 -22.80
N ILE B 226 -18.02 0.62 -22.42
CA ILE B 226 -17.35 0.58 -21.13
C ILE B 226 -18.37 0.67 -19.98
N SER B 227 -19.40 1.48 -20.15
CA SER B 227 -20.44 1.62 -19.14
C SER B 227 -21.21 0.30 -19.01
N VAL B 228 -21.59 -0.28 -20.14
CA VAL B 228 -22.28 -1.57 -20.14
C VAL B 228 -21.38 -2.64 -19.54
N ASP B 229 -20.11 -2.66 -19.95
CA ASP B 229 -19.16 -3.66 -19.46
C ASP B 229 -18.96 -3.56 -17.95
N SER B 230 -19.12 -2.35 -17.41
CA SER B 230 -19.03 -2.14 -15.97
CA SER B 230 -19.02 -2.16 -15.96
C SER B 230 -20.27 -2.69 -15.27
N ALA B 231 -21.40 -2.59 -15.96
CA ALA B 231 -22.67 -3.08 -15.43
C ALA B 231 -22.71 -4.61 -15.40
N THR B 232 -22.10 -5.24 -16.40
CA THR B 232 -22.11 -6.70 -16.50
C THR B 232 -20.96 -7.33 -15.74
N LEU B 233 -20.01 -6.49 -15.30
CA LEU B 233 -18.75 -6.90 -14.69
C LEU B 233 -17.79 -7.52 -15.72
N MET B 234 -18.14 -7.42 -17.00
CA MET B 234 -17.25 -7.87 -18.06
C MET B 234 -16.01 -7.00 -18.14
N ASN B 235 -16.19 -5.71 -17.87
CA ASN B 235 -15.06 -4.79 -17.76
C ASN B 235 -14.04 -5.33 -16.79
N LYS B 236 -14.51 -5.80 -15.64
CA LYS B 236 -13.62 -6.36 -14.62
C LYS B 236 -13.05 -7.70 -15.07
N GLY B 237 -13.84 -8.48 -15.81
CA GLY B 237 -13.36 -9.73 -16.37
C GLY B 237 -12.22 -9.52 -17.35
N LEU B 238 -12.33 -8.46 -18.15
CA LEU B 238 -11.28 -8.13 -19.12
C LEU B 238 -10.03 -7.67 -18.40
N GLU B 239 -10.22 -6.89 -17.34
CA GLU B 239 -9.10 -6.43 -16.52
C GLU B 239 -8.43 -7.59 -15.79
N LEU B 240 -9.22 -8.60 -15.43
CA LEU B 240 -8.65 -9.79 -14.80
C LEU B 240 -7.71 -10.49 -15.77
N ILE B 241 -8.16 -10.62 -17.02
CA ILE B 241 -7.35 -11.25 -18.05
C ILE B 241 -6.04 -10.49 -18.25
N GLU B 242 -6.13 -9.16 -18.35
CA GLU B 242 -4.95 -8.31 -18.46
C GLU B 242 -4.01 -8.48 -17.28
N ALA B 243 -4.59 -8.50 -16.08
CA ALA B 243 -3.81 -8.64 -14.86
C ALA B 243 -3.01 -9.93 -14.89
N CYS B 244 -3.67 -11.02 -15.32
CA CYS B 244 -3.03 -12.33 -15.36
C CYS B 244 -1.83 -12.36 -16.30
N HIS B 245 -1.98 -11.72 -17.46
CA HIS B 245 -0.87 -11.61 -18.40
C HIS B 245 0.21 -10.68 -17.86
N LEU B 246 -0.19 -9.47 -17.48
CA LEU B 246 0.75 -8.43 -17.04
C LEU B 246 1.67 -8.92 -15.93
N PHE B 247 1.08 -9.52 -14.90
CA PHE B 247 1.82 -9.89 -13.71
C PHE B 247 2.16 -11.38 -13.68
N SER B 248 1.99 -12.05 -14.82
CA SER B 248 2.30 -13.47 -14.97
CA SER B 248 2.31 -13.46 -14.97
C SER B 248 1.75 -14.30 -13.81
N ILE B 249 0.43 -14.24 -13.64
CA ILE B 249 -0.19 -14.90 -12.51
C ILE B 249 -1.49 -15.58 -12.96
N SER B 250 -1.73 -16.79 -12.45
CA SER B 250 -2.94 -17.53 -12.78
CA SER B 250 -2.94 -17.53 -12.78
C SER B 250 -4.16 -16.83 -12.20
N GLU B 251 -5.31 -17.03 -12.85
CA GLU B 251 -6.55 -16.38 -12.41
C GLU B 251 -6.99 -16.75 -10.99
N HIS B 252 -6.67 -17.96 -10.53
CA HIS B 252 -7.17 -18.36 -9.22
C HIS B 252 -6.42 -17.67 -8.09
N PHE B 253 -5.42 -16.87 -8.44
CA PHE B 253 -4.76 -16.04 -7.44
C PHE B 253 -5.34 -14.62 -7.45
N VAL B 254 -6.27 -14.38 -8.38
CA VAL B 254 -6.90 -13.06 -8.48
C VAL B 254 -8.31 -13.12 -7.92
N THR B 255 -8.56 -12.32 -6.91
CA THR B 255 -9.88 -12.24 -6.29
C THR B 255 -10.53 -10.91 -6.62
N VAL B 256 -11.76 -10.95 -7.11
CA VAL B 256 -12.48 -9.73 -7.39
C VAL B 256 -13.21 -9.29 -6.14
N VAL B 257 -12.97 -8.04 -5.74
CA VAL B 257 -13.60 -7.43 -4.58
C VAL B 257 -14.46 -6.26 -5.03
N VAL B 258 -15.75 -6.31 -4.77
CA VAL B 258 -16.60 -5.18 -5.11
C VAL B 258 -16.39 -4.09 -4.08
N HIS B 259 -16.02 -2.91 -4.56
CA HIS B 259 -15.78 -1.75 -3.71
C HIS B 259 -16.40 -0.52 -4.36
N PRO B 260 -17.64 -0.18 -3.96
CA PRO B 260 -18.47 0.81 -4.66
C PRO B 260 -17.91 2.23 -4.70
N GLN B 261 -17.21 2.66 -3.67
CA GLN B 261 -16.68 4.02 -3.64
C GLN B 261 -15.53 4.16 -4.63
N SER B 262 -14.88 3.04 -4.91
CA SER B 262 -13.76 2.98 -5.87
C SER B 262 -12.63 3.92 -5.51
N ILE B 263 -12.42 4.11 -4.20
CA ILE B 263 -11.32 4.93 -3.72
C ILE B 263 -10.05 4.07 -3.65
N ILE B 264 -10.16 2.89 -3.03
CA ILE B 264 -9.12 1.89 -3.15
C ILE B 264 -9.18 1.35 -4.57
N HIS B 265 -8.04 1.35 -5.27
CA HIS B 265 -8.04 1.07 -6.70
C HIS B 265 -7.62 -0.36 -7.02
N SER B 266 -6.95 -0.99 -6.07
CA SER B 266 -6.75 -2.46 -5.98
C SER B 266 -5.76 -2.73 -4.86
N MET B 267 -5.55 -4.01 -4.56
CA MET B 267 -4.71 -4.41 -3.43
C MET B 267 -3.85 -5.62 -3.74
N VAL B 268 -2.81 -5.82 -2.93
CA VAL B 268 -1.98 -7.02 -3.02
C VAL B 268 -1.76 -7.60 -1.63
N GLN B 269 -1.92 -8.91 -1.50
CA GLN B 269 -1.75 -9.57 -0.21
C GLN B 269 -0.42 -10.35 -0.18
N TYR B 270 0.14 -10.49 1.02
CA TYR B 270 1.45 -11.11 1.20
C TYR B 270 1.42 -12.25 2.20
N VAL B 271 2.45 -13.09 2.16
CA VAL B 271 2.51 -14.30 2.96
C VAL B 271 2.69 -14.01 4.46
N ASP B 272 3.07 -12.78 4.81
CA ASP B 272 3.22 -12.45 6.23
C ASP B 272 1.92 -11.89 6.82
N GLY B 273 0.87 -11.84 6.00
CA GLY B 273 -0.41 -11.33 6.44
C GLY B 273 -0.72 -9.89 6.05
N SER B 274 0.27 -9.20 5.46
CA SER B 274 0.09 -7.82 5.04
C SER B 274 -0.77 -7.73 3.78
N THR B 275 -1.58 -6.67 3.71
CA THR B 275 -2.25 -6.30 2.47
C THR B 275 -1.84 -4.86 2.16
N LEU B 276 -1.35 -4.62 0.94
CA LEU B 276 -0.97 -3.27 0.54
C LEU B 276 -2.00 -2.75 -0.44
N ALA B 277 -2.31 -1.45 -0.36
CA ALA B 277 -3.32 -0.86 -1.23
C ALA B 277 -2.85 0.46 -1.83
N GLN B 278 -3.32 0.74 -3.05
CA GLN B 278 -3.21 2.09 -3.62
C GLN B 278 -4.60 2.70 -3.63
N MET B 279 -4.68 3.97 -3.26
CA MET B 279 -5.95 4.67 -3.21
C MET B 279 -5.75 6.13 -3.58
N GLY B 280 -6.80 6.77 -4.07
CA GLY B 280 -6.72 8.16 -4.46
C GLY B 280 -8.00 8.71 -5.04
N ASN B 281 -8.00 10.01 -5.30
CA ASN B 281 -9.11 10.66 -5.98
C ASN B 281 -9.21 10.13 -7.41
N PRO B 282 -10.40 10.17 -8.01
CA PRO B 282 -10.54 9.61 -9.36
C PRO B 282 -9.97 10.55 -10.42
N ASP B 283 -8.68 10.39 -10.72
CA ASP B 283 -8.01 11.28 -11.67
C ASP B 283 -6.91 10.49 -12.35
N MET B 284 -7.03 10.31 -13.67
CA MET B 284 -6.11 9.45 -14.40
C MET B 284 -4.69 10.00 -14.44
N CYS B 285 -4.52 11.28 -14.10
CA CYS B 285 -3.18 11.85 -14.05
C CYS B 285 -2.29 11.10 -13.04
N THR B 286 -2.90 10.59 -11.97
CA THR B 286 -2.11 9.89 -10.95
C THR B 286 -1.42 8.63 -11.52
N PRO B 287 -2.19 7.66 -12.07
CA PRO B 287 -1.46 6.50 -12.60
C PRO B 287 -0.65 6.79 -13.86
N ILE B 288 -1.04 7.80 -14.64
CA ILE B 288 -0.25 8.16 -15.82
C ILE B 288 1.11 8.69 -15.39
N ALA B 289 1.11 9.61 -14.43
CA ALA B 289 2.36 10.19 -13.96
C ALA B 289 3.25 9.11 -13.34
N HIS B 290 2.64 8.20 -12.59
CA HIS B 290 3.39 7.12 -11.97
C HIS B 290 4.10 6.25 -12.99
N ALA B 291 3.37 5.82 -14.02
CA ALA B 291 3.95 4.93 -15.04
C ALA B 291 4.94 5.66 -15.93
N LEU B 292 4.66 6.94 -16.19
CA LEU B 292 5.53 7.76 -17.02
C LEU B 292 6.93 7.89 -16.42
N ALA B 293 7.00 8.11 -15.11
CA ALA B 293 8.26 8.44 -14.47
C ALA B 293 8.82 7.31 -13.58
N TRP B 294 8.06 6.24 -13.41
CA TRP B 294 8.54 5.08 -12.64
C TRP B 294 9.97 4.73 -13.02
N PRO B 295 10.84 4.47 -12.01
CA PRO B 295 10.56 4.37 -10.58
C PRO B 295 10.57 5.70 -9.83
N GLU B 296 10.74 6.82 -10.55
CA GLU B 296 10.67 8.12 -9.91
C GLU B 296 9.22 8.58 -9.74
N ARG B 297 8.95 9.32 -8.68
CA ARG B 297 7.64 9.95 -8.50
C ARG B 297 7.61 11.29 -9.21
N LEU B 298 6.45 11.63 -9.77
CA LEU B 298 6.30 12.85 -10.55
C LEU B 298 5.21 13.72 -9.98
N GLN B 299 5.50 15.01 -9.79
CA GLN B 299 4.54 15.96 -9.25
C GLN B 299 3.33 16.16 -10.18
N THR B 300 2.14 16.09 -9.61
CA THR B 300 0.91 16.43 -10.34
C THR B 300 0.08 17.41 -9.53
N ASN B 301 -0.99 17.90 -10.12
CA ASN B 301 -1.90 18.78 -9.41
C ASN B 301 -3.12 18.01 -8.89
N VAL B 302 -3.05 16.69 -8.95
CA VAL B 302 -4.13 15.86 -8.42
C VAL B 302 -4.22 16.09 -6.91
N PRO B 303 -5.40 16.49 -6.44
CA PRO B 303 -5.58 16.77 -5.00
C PRO B 303 -5.33 15.54 -4.14
N ALA B 304 -4.67 15.71 -3.00
CA ALA B 304 -4.43 14.60 -2.10
C ALA B 304 -5.75 13.99 -1.67
N LEU B 305 -5.76 12.68 -1.43
CA LEU B 305 -6.97 12.01 -0.97
C LEU B 305 -7.32 12.53 0.41
N ASP B 306 -8.56 13.00 0.54
CA ASP B 306 -9.07 13.54 1.80
C ASP B 306 -10.07 12.55 2.39
N LEU B 307 -9.62 11.74 3.33
CA LEU B 307 -10.49 10.72 3.92
C LEU B 307 -11.44 11.31 4.95
N PHE B 308 -11.29 12.60 5.26
CA PHE B 308 -12.25 13.26 6.12
C PHE B 308 -13.53 13.56 5.34
N GLU B 309 -13.38 13.81 4.05
CA GLU B 309 -14.55 13.99 3.18
C GLU B 309 -15.05 12.63 2.71
N TYR B 310 -14.15 11.83 2.14
CA TYR B 310 -14.51 10.50 1.67
C TYR B 310 -14.26 9.50 2.80
N SER B 311 -15.18 9.52 3.77
CA SER B 311 -14.93 8.97 5.09
C SER B 311 -15.37 7.53 5.28
N GLN B 312 -15.80 6.87 4.21
CA GLN B 312 -16.25 5.49 4.32
C GLN B 312 -15.95 4.66 3.08
N LEU B 313 -15.43 3.45 3.32
CA LEU B 313 -15.10 2.50 2.28
C LEU B 313 -15.80 1.17 2.54
N ASN B 314 -16.40 0.58 1.52
CA ASN B 314 -17.15 -0.67 1.68
C ASN B 314 -16.71 -1.76 0.70
N PHE B 315 -16.83 -3.02 1.14
CA PHE B 315 -16.45 -4.13 0.29
C PHE B 315 -17.48 -5.24 0.34
N GLN B 316 -17.59 -5.97 -0.76
CA GLN B 316 -18.50 -7.11 -0.82
C GLN B 316 -18.09 -8.04 -1.95
N ALA B 317 -18.55 -9.29 -1.86
CA ALA B 317 -18.21 -10.28 -2.87
C ALA B 317 -19.14 -10.15 -4.07
N PRO B 318 -18.58 -10.23 -5.28
CA PRO B 318 -19.44 -10.25 -6.45
C PRO B 318 -20.27 -11.52 -6.51
N ASP B 319 -21.52 -11.42 -6.93
CA ASP B 319 -22.35 -12.61 -7.11
C ASP B 319 -22.11 -13.17 -8.50
N THR B 320 -21.33 -14.25 -8.56
CA THR B 320 -20.96 -14.87 -9.83
C THR B 320 -22.17 -15.53 -10.51
N GLN B 321 -23.22 -15.79 -9.75
CA GLN B 321 -24.46 -16.29 -10.33
C GLN B 321 -25.22 -15.16 -11.01
N LYS B 322 -25.18 -13.96 -10.43
CA LYS B 322 -25.88 -12.81 -10.99
C LYS B 322 -25.09 -12.16 -12.13
N PHE B 323 -23.76 -12.24 -12.05
CA PHE B 323 -22.90 -11.65 -13.07
C PHE B 323 -21.91 -12.68 -13.59
N PRO B 324 -22.36 -13.58 -14.45
CA PRO B 324 -21.53 -14.69 -14.93
C PRO B 324 -20.34 -14.26 -15.79
N ALA B 325 -20.34 -13.00 -16.24
CA ALA B 325 -19.26 -12.49 -17.07
C ALA B 325 -17.89 -12.73 -16.45
N LEU B 326 -17.81 -12.62 -15.11
CA LEU B 326 -16.56 -12.85 -14.40
C LEU B 326 -16.05 -14.28 -14.57
N ASN B 327 -16.93 -15.25 -14.33
CA ASN B 327 -16.56 -16.65 -14.47
C ASN B 327 -16.16 -16.97 -15.91
N LEU B 328 -16.85 -16.36 -16.87
CA LEU B 328 -16.54 -16.55 -18.27
C LEU B 328 -15.12 -16.05 -18.58
N ALA B 329 -14.75 -14.94 -17.96
CA ALA B 329 -13.39 -14.40 -18.11
C ALA B 329 -12.37 -15.38 -17.53
N ARG B 330 -12.68 -15.94 -16.37
CA ARG B 330 -11.82 -16.94 -15.75
C ARG B 330 -11.72 -18.19 -16.63
N GLN B 331 -12.85 -18.66 -17.16
CA GLN B 331 -12.86 -19.79 -18.07
CA GLN B 331 -12.87 -19.80 -18.08
C GLN B 331 -11.99 -19.52 -19.28
N ALA B 332 -12.14 -18.32 -19.86
CA ALA B 332 -11.33 -17.91 -21.00
C ALA B 332 -9.85 -17.89 -20.61
N MET B 333 -9.57 -17.39 -19.41
CA MET B 333 -8.18 -17.31 -18.95
C MET B 333 -7.60 -18.71 -18.75
N ARG B 334 -8.37 -19.61 -18.16
CA ARG B 334 -7.93 -20.98 -17.99
C ARG B 334 -7.73 -21.66 -19.34
N ALA B 335 -8.62 -21.41 -20.28
CA ALA B 335 -8.50 -22.01 -21.60
C ALA B 335 -7.30 -21.46 -22.35
N GLY B 336 -6.99 -20.19 -22.10
CA GLY B 336 -5.88 -19.54 -22.75
C GLY B 336 -6.04 -19.43 -24.26
N GLY B 337 -4.92 -19.29 -24.96
CA GLY B 337 -4.93 -19.21 -26.42
C GLY B 337 -5.76 -18.05 -26.95
N LEU B 338 -6.72 -18.36 -27.81
CA LEU B 338 -7.56 -17.35 -28.45
C LEU B 338 -8.88 -17.15 -27.70
N ALA B 339 -9.07 -17.87 -26.60
CA ALA B 339 -10.31 -17.77 -25.84
C ALA B 339 -10.60 -16.33 -25.35
N PRO B 340 -9.59 -15.63 -24.78
CA PRO B 340 -9.87 -14.23 -24.42
C PRO B 340 -10.24 -13.37 -25.63
N THR B 341 -9.63 -13.64 -26.78
CA THR B 341 -10.01 -12.94 -28.00
C THR B 341 -11.47 -13.21 -28.37
N ILE B 342 -11.87 -14.48 -28.27
CA ILE B 342 -13.22 -14.89 -28.61
C ILE B 342 -14.23 -14.24 -27.67
N LEU B 343 -13.91 -14.26 -26.38
CA LEU B 343 -14.74 -13.64 -25.35
C LEU B 343 -14.93 -12.15 -25.60
N ASN B 344 -13.83 -11.46 -25.90
CA ASN B 344 -13.85 -10.02 -26.12
C ASN B 344 -14.67 -9.66 -27.37
N ALA B 345 -14.49 -10.42 -28.45
CA ALA B 345 -15.20 -10.17 -29.69
C ALA B 345 -16.70 -10.40 -29.52
N ALA B 346 -17.05 -11.54 -28.93
CA ALA B 346 -18.44 -11.89 -28.71
C ALA B 346 -19.14 -10.86 -27.82
N ASN B 347 -18.43 -10.41 -26.79
CA ASN B 347 -18.98 -9.42 -25.85
C ASN B 347 -19.33 -8.12 -26.56
N GLU B 348 -18.46 -7.67 -27.46
CA GLU B 348 -18.68 -6.42 -28.18
C GLU B 348 -19.91 -6.48 -29.06
N ILE B 349 -20.11 -7.63 -29.73
CA ILE B 349 -21.28 -7.81 -30.57
C ILE B 349 -22.52 -7.85 -29.69
N ALA B 350 -22.41 -8.50 -28.54
CA ALA B 350 -23.55 -8.64 -27.62
C ALA B 350 -23.95 -7.30 -27.00
N VAL B 351 -22.97 -6.51 -26.60
CA VAL B 351 -23.23 -5.18 -26.02
C VAL B 351 -23.91 -4.30 -27.06
N GLU B 352 -23.36 -4.29 -28.26
CA GLU B 352 -23.90 -3.54 -29.39
C GLU B 352 -25.35 -3.95 -29.68
N ALA B 353 -25.65 -5.24 -29.54
CA ALA B 353 -27.01 -5.73 -29.75
C ALA B 353 -27.94 -5.25 -28.63
N PHE B 354 -27.45 -5.33 -27.40
CA PHE B 354 -28.22 -4.89 -26.24
C PHE B 354 -28.54 -3.40 -26.32
N LEU B 355 -27.60 -2.61 -26.81
CA LEU B 355 -27.79 -1.17 -26.92
C LEU B 355 -28.87 -0.84 -27.95
N MET B 356 -28.95 -1.65 -29.00
CA MET B 356 -29.96 -1.46 -30.03
C MET B 356 -31.25 -2.20 -29.69
N GLU B 357 -31.36 -2.62 -28.43
CA GLU B 357 -32.57 -3.28 -27.91
C GLU B 357 -32.97 -4.52 -28.73
N ARG B 358 -31.98 -5.29 -29.14
CA ARG B 358 -32.25 -6.52 -29.87
C ARG B 358 -32.27 -7.72 -28.91
N ILE B 359 -31.45 -7.65 -27.86
CA ILE B 359 -31.41 -8.70 -26.83
C ILE B 359 -31.52 -8.08 -25.44
N GLY B 360 -31.92 -8.90 -24.46
CA GLY B 360 -32.00 -8.46 -23.08
C GLY B 360 -30.64 -8.30 -22.42
N PHE B 361 -30.61 -7.67 -21.25
CA PHE B 361 -29.36 -7.42 -20.54
C PHE B 361 -28.69 -8.71 -20.09
N THR B 362 -29.47 -9.63 -19.55
CA THR B 362 -28.92 -10.89 -19.07
C THR B 362 -28.56 -11.82 -20.22
N SER B 363 -28.88 -11.42 -21.45
CA SER B 363 -28.56 -12.21 -22.63
C SER B 363 -27.14 -11.96 -23.12
N ILE B 364 -26.50 -10.90 -22.62
CA ILE B 364 -25.13 -10.57 -23.03
C ILE B 364 -24.13 -11.66 -22.64
N PRO B 365 -24.16 -12.14 -21.39
CA PRO B 365 -23.21 -13.24 -21.12
C PRO B 365 -23.62 -14.54 -21.80
N GLN B 366 -24.89 -14.72 -22.13
CA GLN B 366 -25.36 -15.90 -22.83
CA GLN B 366 -25.32 -15.93 -22.80
C GLN B 366 -24.74 -15.96 -24.22
N VAL B 367 -24.67 -14.79 -24.86
CA VAL B 367 -24.05 -14.68 -26.18
C VAL B 367 -22.56 -15.03 -26.08
N VAL B 368 -21.88 -14.46 -25.09
CA VAL B 368 -20.47 -14.72 -24.88
C VAL B 368 -20.21 -16.20 -24.66
N GLU B 369 -20.96 -16.79 -23.74
CA GLU B 369 -20.78 -18.20 -23.37
C GLU B 369 -21.04 -19.13 -24.54
N HIS B 370 -22.08 -18.84 -25.32
CA HIS B 370 -22.40 -19.68 -26.48
C HIS B 370 -21.30 -19.60 -27.53
N THR B 371 -20.71 -18.43 -27.72
CA THR B 371 -19.65 -18.26 -28.72
C THR B 371 -18.41 -19.04 -28.29
N LEU B 372 -18.05 -18.92 -27.02
CA LEU B 372 -16.91 -19.64 -26.45
C LEU B 372 -17.09 -21.16 -26.53
N GLU B 373 -18.33 -21.60 -26.47
CA GLU B 373 -18.63 -23.04 -26.55
C GLU B 373 -18.60 -23.52 -28.00
N LYS B 374 -19.16 -22.73 -28.91
CA LYS B 374 -19.31 -23.16 -30.29
C LYS B 374 -18.00 -23.04 -31.07
N LEU B 375 -17.17 -22.07 -30.72
CA LEU B 375 -15.98 -21.78 -31.51
C LEU B 375 -14.75 -22.49 -30.95
N GLU B 376 -14.02 -23.16 -31.83
CA GLU B 376 -12.85 -23.93 -31.43
C GLU B 376 -11.69 -23.03 -31.04
N ASN B 377 -11.03 -23.35 -29.93
CA ASN B 377 -9.89 -22.57 -29.48
C ASN B 377 -8.62 -22.99 -30.21
N ALA B 378 -7.62 -22.11 -30.20
CA ALA B 378 -6.32 -22.42 -30.78
C ALA B 378 -5.28 -21.48 -30.18
N ALA B 379 -4.01 -21.69 -30.52
CA ALA B 379 -2.94 -20.86 -29.99
C ALA B 379 -3.00 -19.45 -30.58
N ALA B 380 -2.70 -18.46 -29.76
CA ALA B 380 -2.64 -17.08 -30.23
C ALA B 380 -1.24 -16.80 -30.77
N GLU B 381 -0.90 -17.49 -31.85
CA GLU B 381 0.46 -17.50 -32.39
C GLU B 381 0.88 -16.17 -33.00
N SER B 382 -0.09 -15.45 -33.58
CA SER B 382 0.22 -14.21 -34.27
C SER B 382 -0.95 -13.24 -34.21
N ILE B 383 -0.67 -11.98 -34.52
CA ILE B 383 -1.71 -10.95 -34.57
C ILE B 383 -2.72 -11.29 -35.65
N GLU B 384 -2.22 -11.79 -36.78
CA GLU B 384 -3.08 -12.18 -37.89
C GLU B 384 -4.04 -13.29 -37.49
N CYS B 385 -3.53 -14.28 -36.76
CA CYS B 385 -4.36 -15.39 -36.28
C CYS B 385 -5.37 -14.91 -35.24
N ILE B 386 -5.02 -13.85 -34.52
CA ILE B 386 -5.90 -13.29 -33.51
C ILE B 386 -7.06 -12.56 -34.17
N LEU B 387 -6.75 -11.71 -35.15
CA LEU B 387 -7.76 -10.93 -35.83
C LEU B 387 -8.68 -11.81 -36.68
N ASP B 388 -8.13 -12.90 -37.22
CA ASP B 388 -8.93 -13.87 -37.96
C ASP B 388 -9.98 -14.51 -37.07
N LYS B 389 -9.56 -14.94 -35.87
CA LYS B 389 -10.47 -15.57 -34.93
C LYS B 389 -11.47 -14.56 -34.38
N ASP B 390 -11.02 -13.31 -34.21
CA ASP B 390 -11.87 -12.22 -33.78
C ASP B 390 -13.03 -12.03 -34.74
N LYS B 391 -12.74 -12.03 -36.04
CA LYS B 391 -13.77 -11.89 -37.07
C LYS B 391 -14.78 -13.04 -37.03
N VAL B 392 -14.27 -14.27 -36.89
CA VAL B 392 -15.13 -15.43 -36.85
C VAL B 392 -16.01 -15.40 -35.59
N ALA B 393 -15.42 -15.00 -34.47
CA ALA B 393 -16.15 -14.90 -33.21
C ALA B 393 -17.33 -13.94 -33.34
N ARG B 394 -17.10 -12.79 -33.97
CA ARG B 394 -18.15 -11.81 -34.18
C ARG B 394 -19.27 -12.39 -35.05
N SER B 395 -18.88 -13.15 -36.06
CA SER B 395 -19.84 -13.76 -36.96
C SER B 395 -20.68 -14.80 -36.21
N VAL B 396 -20.00 -15.63 -35.42
CA VAL B 396 -20.66 -16.65 -34.63
C VAL B 396 -21.61 -16.02 -33.61
N ALA B 397 -21.16 -14.97 -32.96
CA ALA B 397 -21.98 -14.27 -31.97
C ALA B 397 -23.21 -13.66 -32.63
N GLN B 398 -23.02 -13.05 -33.79
CA GLN B 398 -24.11 -12.39 -34.49
C GLN B 398 -25.15 -13.42 -34.93
N GLN B 399 -24.70 -14.58 -35.38
CA GLN B 399 -25.60 -15.64 -35.79
C GLN B 399 -26.46 -16.13 -34.61
N TYR B 400 -25.82 -16.28 -33.46
CA TYR B 400 -26.53 -16.72 -32.26
C TYR B 400 -27.59 -15.70 -31.84
N ILE B 401 -27.20 -14.42 -31.84
CA ILE B 401 -28.11 -13.32 -31.55
C ILE B 401 -29.35 -13.37 -32.44
N SER B 402 -29.15 -13.67 -33.72
CA SER B 402 -30.29 -13.82 -34.62
C SER B 402 -31.13 -15.03 -34.23
N SER B 403 -30.47 -16.08 -33.76
CA SER B 403 -31.17 -17.31 -33.40
C SER B 403 -32.03 -17.13 -32.14
N ILE B 404 -31.72 -16.12 -31.33
CA ILE B 404 -32.53 -15.88 -30.14
C ILE B 404 -33.50 -14.72 -30.36
N GLY B 405 -33.70 -14.36 -31.62
CA GLY B 405 -34.70 -13.36 -31.97
C GLY B 405 -34.17 -11.95 -32.12
N GLY B 406 -32.86 -11.78 -32.01
CA GLY B 406 -32.25 -10.47 -32.10
C GLY B 406 -32.02 -9.98 -33.53
S SO4 C . -4.65 3.44 19.22
O1 SO4 C . -5.97 3.67 19.80
O2 SO4 C . -3.71 4.43 19.75
O3 SO4 C . -4.19 2.10 19.57
O4 SO4 C . -4.74 3.56 17.78
S SO4 D . 29.82 6.41 20.69
O1 SO4 D . 29.49 6.06 22.07
O2 SO4 D . 30.30 7.80 20.65
O3 SO4 D . 30.86 5.51 20.19
O4 SO4 D . 28.64 6.29 19.84
C1 EDO E . 8.58 1.13 18.22
O1 EDO E . 7.43 1.81 18.75
C2 EDO E . 8.75 1.50 16.74
O2 EDO E . 7.73 0.86 15.97
S SO4 F . -15.44 -0.80 -12.88
O1 SO4 F . -15.09 0.49 -13.44
O2 SO4 F . -14.65 -1.04 -11.68
O3 SO4 F . -15.19 -1.86 -13.87
O4 SO4 F . -16.87 -0.81 -12.51
C1 EDO G . -6.03 12.52 4.71
O1 EDO G . -7.04 11.87 3.95
C2 EDO G . -6.66 13.56 5.63
O2 EDO G . -7.32 14.55 4.83
#